data_2NXO
#
_entry.id   2NXO
#
_cell.length_a   75.792
_cell.length_b   97.370
_cell.length_c   86.570
_cell.angle_alpha   90.00
_cell.angle_beta   106.48
_cell.angle_gamma   90.00
#
_symmetry.space_group_name_H-M   'P 1 21 1'
#
loop_
_entity.id
_entity.type
_entity.pdbx_description
1 polymer 'Hypothetical protein SCO4506'
2 water water
#
_entity_poly.entity_id   1
_entity_poly.type   'polypeptide(L)'
_entity_poly.pdbx_seq_one_letter_code
;SLDNSRTRPRVGHIQFLNCLPLYWGLARTGTLLDFELTKDTPEKLSEQLVRGDLDIGPVTLVEFLKNADDLVAFPDIAVG
CDGPVMSCVIVSQVPLDRLDGARVALGSTSRTSVRLAQLLLSERFGVQPDYYTCPPDLSLMMQEADAAVLIGDAALRANM
IDGPRYGLDVHDLGALWKEWTGLPFVFAVWAARRDYAEREPVITRKVHEAFLASRNLSLEEVEKVAEQAARWEAFDEDTL
AKYFTTLDFRFGAPQLEAVTEFARRVGPTTGFPADVKVELLKPEGHHHHHH
;
_entity_poly.pdbx_strand_id   A,B,C,D
#
# COMPACT_ATOMS: atom_id res chain seq x y z
N THR A 7 24.71 1.07 12.85
CA THR A 7 23.28 1.34 12.54
C THR A 7 22.56 1.92 13.76
N ARG A 8 21.62 2.84 13.50
CA ARG A 8 20.88 3.45 14.59
C ARG A 8 20.18 2.42 15.45
N PRO A 9 20.20 2.62 16.77
CA PRO A 9 19.52 1.64 17.62
C PRO A 9 18.01 1.71 17.36
N ARG A 10 17.34 0.58 17.41
CA ARG A 10 15.90 0.52 17.20
C ARG A 10 15.25 0.79 18.56
N VAL A 11 14.66 1.98 18.69
CA VAL A 11 14.04 2.44 19.94
C VAL A 11 12.53 2.52 19.95
N GLY A 12 11.92 1.96 21.00
CA GLY A 12 10.48 2.00 21.12
C GLY A 12 10.02 3.26 21.84
N HIS A 13 8.77 3.66 21.61
CA HIS A 13 8.20 4.83 22.26
C HIS A 13 6.68 4.67 22.39
N ILE A 14 6.17 4.77 23.62
CA ILE A 14 4.74 4.66 23.90
C ILE A 14 3.99 5.82 23.21
N GLN A 15 3.03 5.46 22.36
CA GLN A 15 2.25 6.44 21.61
C GLN A 15 1.33 7.34 22.43
N PHE A 16 1.10 6.95 23.68
CA PHE A 16 0.22 7.71 24.57
C PHE A 16 0.71 9.08 25.02
N LEU A 17 -0.23 9.91 25.46
CA LEU A 17 0.08 11.25 25.95
C LEU A 17 1.10 11.23 27.09
N ASN A 18 1.15 10.15 27.87
CA ASN A 18 2.09 10.08 28.99
C ASN A 18 3.55 10.25 28.57
N CYS A 19 3.86 9.91 27.32
CA CYS A 19 5.22 10.05 26.82
C CYS A 19 5.33 11.09 25.71
N LEU A 20 4.31 11.95 25.59
CA LEU A 20 4.38 12.98 24.57
C LEU A 20 5.43 14.01 25.00
N PRO A 21 5.41 14.43 26.28
CA PRO A 21 6.43 15.42 26.70
C PRO A 21 7.84 14.89 26.42
N LEU A 22 8.05 13.61 26.67
CA LEU A 22 9.34 13.00 26.41
C LEU A 22 9.64 13.04 24.91
N TYR A 23 8.62 12.83 24.08
CA TYR A 23 8.80 12.84 22.64
C TYR A 23 9.20 14.26 22.23
N TRP A 24 8.52 15.26 22.79
CA TRP A 24 8.85 16.66 22.54
C TRP A 24 10.33 16.86 22.86
N GLY A 25 10.78 16.26 23.97
CA GLY A 25 12.16 16.38 24.37
C GLY A 25 13.13 15.73 23.41
N LEU A 26 12.75 14.55 22.92
CA LEU A 26 13.56 13.80 21.97
C LEU A 26 13.73 14.59 20.66
N ALA A 27 12.67 15.27 20.25
CA ALA A 27 12.71 16.06 19.02
C ALA A 27 13.49 17.36 19.23
N ARG A 28 13.12 18.10 20.26
CA ARG A 28 13.74 19.39 20.56
C ARG A 28 15.27 19.34 20.67
N THR A 29 15.79 18.25 21.22
CA THR A 29 17.23 18.07 21.38
C THR A 29 17.91 17.48 20.14
N GLY A 30 17.11 17.02 19.18
CA GLY A 30 17.68 16.41 17.97
C GLY A 30 17.92 14.92 18.11
N THR A 31 17.68 14.39 19.31
CA THR A 31 17.88 12.97 19.62
C THR A 31 17.19 11.99 18.66
N LEU A 32 16.00 12.35 18.19
CA LEU A 32 15.27 11.48 17.28
C LEU A 32 16.09 11.05 16.07
N LEU A 33 16.95 11.93 15.56
CA LEU A 33 17.76 11.60 14.39
C LEU A 33 18.86 10.56 14.64
N ASP A 34 19.02 10.16 15.91
CA ASP A 34 20.00 9.14 16.28
C ASP A 34 19.29 7.80 16.52
N PHE A 35 17.96 7.78 16.38
CA PHE A 35 17.18 6.57 16.60
C PHE A 35 16.41 6.11 15.35
N GLU A 36 16.01 4.84 15.38
CA GLU A 36 15.14 4.25 14.37
C GLU A 36 13.96 3.99 15.30
N LEU A 37 13.10 4.98 15.42
CA LEU A 37 11.96 4.94 16.33
C LEU A 37 10.68 4.24 15.90
N THR A 38 10.11 3.48 16.84
CA THR A 38 8.87 2.74 16.65
C THR A 38 7.88 3.21 17.71
N LYS A 39 6.70 3.67 17.29
CA LYS A 39 5.67 4.10 18.23
C LYS A 39 4.59 3.05 18.25
N ASP A 40 4.13 2.70 19.45
CA ASP A 40 3.08 1.71 19.61
C ASP A 40 2.60 1.74 21.05
N THR A 41 1.68 0.84 21.40
CA THR A 41 1.19 0.78 22.77
C THR A 41 2.15 -0.06 23.60
N PRO A 42 2.26 0.23 24.92
CA PRO A 42 3.17 -0.48 25.83
C PRO A 42 3.22 -2.01 25.77
N GLU A 43 2.05 -2.63 25.60
CA GLU A 43 1.93 -4.08 25.48
C GLU A 43 2.80 -4.59 24.33
N LYS A 44 2.63 -3.98 23.16
CA LYS A 44 3.36 -4.35 21.95
C LYS A 44 4.85 -4.02 22.03
N LEU A 45 5.16 -2.81 22.47
CA LEU A 45 6.55 -2.38 22.59
C LEU A 45 7.32 -3.34 23.49
N SER A 46 6.65 -3.79 24.54
CA SER A 46 7.25 -4.72 25.48
C SER A 46 7.63 -6.04 24.80
N GLU A 47 6.67 -6.63 24.09
CA GLU A 47 6.91 -7.90 23.40
C GLU A 47 8.00 -7.78 22.35
N GLN A 48 7.96 -6.70 21.57
CA GLN A 48 8.95 -6.46 20.52
C GLN A 48 10.36 -6.36 21.06
N LEU A 49 10.50 -5.78 22.24
CA LEU A 49 11.84 -5.66 22.84
C LEU A 49 12.29 -7.06 23.28
N VAL A 50 11.42 -7.77 24.00
CA VAL A 50 11.72 -9.10 24.48
C VAL A 50 12.16 -10.03 23.34
N ARG A 51 11.44 -10.03 22.23
CA ARG A 51 11.77 -10.92 21.12
C ARG A 51 12.91 -10.44 20.23
N GLY A 52 13.42 -9.25 20.48
CA GLY A 52 14.54 -8.75 19.69
C GLY A 52 14.22 -7.84 18.52
N ASP A 53 12.95 -7.45 18.37
CA ASP A 53 12.58 -6.56 17.28
C ASP A 53 12.96 -5.12 17.60
N LEU A 54 13.32 -4.86 18.85
CA LEU A 54 13.75 -3.54 19.30
C LEU A 54 15.03 -3.72 20.10
N ASP A 55 15.86 -2.68 20.16
CA ASP A 55 17.11 -2.75 20.91
C ASP A 55 16.94 -2.13 22.30
N ILE A 56 16.28 -0.99 22.34
CA ILE A 56 16.03 -0.23 23.56
C ILE A 56 14.59 0.30 23.54
N GLY A 57 13.98 0.41 24.72
CA GLY A 57 12.62 0.92 24.76
C GLY A 57 11.91 0.80 26.09
N PRO A 58 10.68 1.33 26.18
CA PRO A 58 9.91 1.26 27.41
C PRO A 58 9.40 -0.16 27.57
N VAL A 59 9.33 -0.64 28.81
CA VAL A 59 8.86 -1.99 29.09
C VAL A 59 7.97 -1.95 30.31
N THR A 60 6.71 -2.29 30.13
CA THR A 60 5.77 -2.32 31.24
C THR A 60 6.44 -3.16 32.34
N LEU A 61 6.38 -2.67 33.57
CA LEU A 61 7.03 -3.33 34.71
C LEU A 61 6.83 -4.84 34.82
N VAL A 62 5.59 -5.30 34.84
CA VAL A 62 5.32 -6.74 34.95
C VAL A 62 6.12 -7.54 33.92
N GLU A 63 6.12 -7.10 32.67
CA GLU A 63 6.87 -7.80 31.64
C GLU A 63 8.38 -7.68 31.84
N PHE A 64 8.83 -6.55 32.35
CA PHE A 64 10.26 -6.36 32.58
C PHE A 64 10.76 -7.35 33.64
N LEU A 65 9.97 -7.56 34.67
CA LEU A 65 10.35 -8.45 35.75
C LEU A 65 10.40 -9.91 35.27
N LYS A 66 9.51 -10.26 34.35
CA LYS A 66 9.47 -11.62 33.81
C LYS A 66 10.69 -11.90 32.95
N ASN A 67 11.36 -10.85 32.48
CA ASN A 67 12.54 -11.01 31.65
C ASN A 67 13.75 -10.29 32.25
N ALA A 68 13.70 -10.09 33.56
CA ALA A 68 14.76 -9.41 34.29
C ALA A 68 16.16 -9.96 34.01
N ASP A 69 16.25 -11.25 33.72
CA ASP A 69 17.54 -11.88 33.43
C ASP A 69 18.10 -11.44 32.08
N ASP A 70 17.22 -11.00 31.20
CA ASP A 70 17.65 -10.61 29.86
C ASP A 70 17.50 -9.13 29.54
N LEU A 71 17.26 -8.32 30.56
CA LEU A 71 17.10 -6.89 30.34
C LEU A 71 17.90 -6.08 31.36
N VAL A 72 18.25 -4.86 30.98
CA VAL A 72 19.00 -3.97 31.85
C VAL A 72 18.29 -2.62 31.83
N ALA A 73 17.72 -2.24 32.97
CA ALA A 73 16.97 -1.00 33.07
C ALA A 73 17.82 0.26 33.15
N PHE A 74 17.30 1.35 32.60
CA PHE A 74 17.98 2.64 32.61
C PHE A 74 17.70 3.33 33.95
N PRO A 75 18.75 3.80 34.63
CA PRO A 75 18.46 4.46 35.89
C PRO A 75 17.99 5.89 35.66
N ASP A 76 17.25 6.43 36.62
CA ASP A 76 16.75 7.80 36.61
C ASP A 76 15.66 8.24 35.63
N ILE A 77 15.03 7.28 34.96
CA ILE A 77 13.92 7.59 34.06
C ILE A 77 13.00 6.40 34.03
N ALA A 78 11.71 6.67 34.24
CA ALA A 78 10.67 5.66 34.23
C ALA A 78 9.31 6.36 34.15
N VAL A 79 8.24 5.57 34.07
CA VAL A 79 6.90 6.15 34.02
C VAL A 79 6.26 5.71 35.32
N GLY A 80 6.05 6.66 36.22
CA GLY A 80 5.45 6.32 37.50
C GLY A 80 4.66 7.45 38.11
N CYS A 81 4.48 7.38 39.42
CA CYS A 81 3.73 8.38 40.16
C CYS A 81 4.01 8.25 41.65
N ASP A 82 3.38 9.13 42.42
CA ASP A 82 3.49 9.16 43.88
C ASP A 82 2.15 9.76 44.27
N GLY A 83 1.14 8.92 44.28
CA GLY A 83 -0.21 9.37 44.55
C GLY A 83 -0.89 9.17 43.21
N PRO A 84 -1.81 10.04 42.77
CA PRO A 84 -2.46 9.84 41.48
C PRO A 84 -1.57 9.80 40.22
N VAL A 85 -2.04 9.05 39.22
CA VAL A 85 -1.34 8.91 37.93
C VAL A 85 -2.26 9.52 36.87
N MET A 86 -3.55 9.57 37.19
CA MET A 86 -4.58 10.11 36.31
C MET A 86 -4.89 9.26 35.06
N SER A 87 -3.92 8.53 34.53
CA SER A 87 -4.18 7.73 33.33
C SER A 87 -4.06 6.21 33.51
N CYS A 88 -4.27 5.77 34.74
CA CYS A 88 -4.27 4.35 35.09
C CYS A 88 -5.41 4.28 36.08
N VAL A 89 -6.59 3.90 35.59
CA VAL A 89 -7.77 3.86 36.44
C VAL A 89 -8.66 2.62 36.39
N ILE A 90 -9.74 2.72 37.15
CA ILE A 90 -10.77 1.69 37.24
C ILE A 90 -12.06 2.48 37.16
N VAL A 91 -12.80 2.29 36.07
CA VAL A 91 -14.09 2.96 35.89
C VAL A 91 -15.11 1.92 36.35
N SER A 92 -16.03 2.32 37.23
CA SER A 92 -17.01 1.38 37.73
C SER A 92 -18.38 1.99 37.95
N GLN A 93 -19.42 1.18 37.82
CA GLN A 93 -20.79 1.65 38.04
C GLN A 93 -21.35 1.15 39.37
N VAL A 94 -20.53 0.40 40.10
CA VAL A 94 -20.89 -0.15 41.40
C VAL A 94 -19.68 -0.01 42.31
N PRO A 95 -19.87 -0.04 43.64
CA PRO A 95 -18.73 0.07 44.54
C PRO A 95 -17.78 -1.10 44.31
N LEU A 96 -16.48 -0.87 44.44
CA LEU A 96 -15.50 -1.92 44.20
C LEU A 96 -15.68 -3.17 45.06
N ASP A 97 -16.36 -3.02 46.19
CA ASP A 97 -16.61 -4.13 47.09
C ASP A 97 -17.62 -5.11 46.48
N ARG A 98 -18.52 -4.58 45.65
CA ARG A 98 -19.55 -5.38 44.99
C ARG A 98 -19.12 -5.85 43.59
N LEU A 99 -18.15 -6.75 43.55
CA LEU A 99 -17.64 -7.27 42.26
C LEU A 99 -17.02 -8.66 42.40
N ASP A 100 -17.31 -9.35 43.51
CA ASP A 100 -16.74 -10.68 43.74
C ASP A 100 -17.10 -11.70 42.66
N GLY A 101 -18.18 -11.44 41.93
CA GLY A 101 -18.59 -12.35 40.88
C GLY A 101 -18.94 -11.59 39.62
N ALA A 102 -18.72 -10.28 39.65
CA ALA A 102 -19.01 -9.44 38.51
C ALA A 102 -17.87 -9.49 37.50
N ARG A 103 -18.23 -9.40 36.23
CA ARG A 103 -17.23 -9.44 35.19
C ARG A 103 -16.56 -8.08 35.03
N VAL A 104 -15.23 -8.09 35.06
CA VAL A 104 -14.46 -6.86 34.93
C VAL A 104 -13.59 -6.94 33.67
N ALA A 105 -13.66 -5.91 32.83
CA ALA A 105 -12.90 -5.89 31.59
C ALA A 105 -11.55 -5.23 31.78
N LEU A 106 -10.51 -5.89 31.28
CA LEU A 106 -9.14 -5.42 31.38
C LEU A 106 -8.57 -4.98 30.02
N GLY A 107 -8.33 -3.68 29.87
CA GLY A 107 -7.79 -3.16 28.63
C GLY A 107 -6.55 -3.93 28.21
N SER A 108 -6.60 -4.51 27.01
CA SER A 108 -5.49 -5.32 26.49
C SER A 108 -4.14 -4.60 26.34
N THR A 109 -4.13 -3.27 26.32
CA THR A 109 -2.85 -2.55 26.18
C THR A 109 -2.02 -2.58 27.47
N SER A 110 -2.67 -2.88 28.58
CA SER A 110 -2.00 -2.92 29.89
C SER A 110 -1.50 -4.29 30.33
N ARG A 111 -0.42 -4.30 31.10
CA ARG A 111 0.15 -5.53 31.66
C ARG A 111 0.48 -5.31 33.15
N THR A 112 0.86 -4.09 33.51
CA THR A 112 1.20 -3.78 34.91
C THR A 112 0.00 -3.24 35.68
N SER A 113 -0.69 -2.28 35.09
CA SER A 113 -1.85 -1.69 35.72
C SER A 113 -2.98 -2.69 35.95
N VAL A 114 -3.17 -3.62 35.01
CA VAL A 114 -4.24 -4.61 35.19
C VAL A 114 -3.89 -5.49 36.39
N ARG A 115 -2.63 -5.91 36.49
CA ARG A 115 -2.19 -6.76 37.60
C ARG A 115 -2.37 -6.02 38.93
N LEU A 116 -1.95 -4.77 38.97
CA LEU A 116 -2.05 -3.95 40.19
C LEU A 116 -3.53 -3.76 40.55
N ALA A 117 -4.36 -3.54 39.53
CA ALA A 117 -5.79 -3.35 39.74
C ALA A 117 -6.38 -4.59 40.41
N GLN A 118 -5.89 -5.76 40.01
CA GLN A 118 -6.36 -7.02 40.56
C GLN A 118 -5.89 -7.12 42.01
N LEU A 119 -4.62 -6.85 42.23
CA LEU A 119 -4.01 -6.90 43.56
C LEU A 119 -4.75 -6.06 44.59
N LEU A 120 -5.34 -4.95 44.13
CA LEU A 120 -6.07 -4.05 45.02
C LEU A 120 -7.53 -4.46 45.23
N LEU A 121 -8.20 -4.89 44.16
CA LEU A 121 -9.59 -5.29 44.26
C LEU A 121 -9.76 -6.49 45.19
N SER A 122 -8.78 -7.38 45.20
CA SER A 122 -8.84 -8.58 46.03
C SER A 122 -8.27 -8.42 47.44
N GLU A 123 -7.38 -7.46 47.63
CA GLU A 123 -6.77 -7.24 48.95
C GLU A 123 -7.42 -6.11 49.73
N ARG A 124 -7.77 -5.04 49.03
CA ARG A 124 -8.40 -3.89 49.68
C ARG A 124 -9.91 -3.99 49.73
N PHE A 125 -10.49 -4.64 48.72
CA PHE A 125 -11.94 -4.78 48.67
C PHE A 125 -12.38 -6.24 48.77
N GLY A 126 -11.42 -7.11 49.05
CA GLY A 126 -11.72 -8.53 49.17
C GLY A 126 -12.68 -9.01 48.11
N VAL A 127 -12.21 -9.03 46.86
CA VAL A 127 -13.04 -9.46 45.74
C VAL A 127 -12.29 -10.34 44.74
N GLN A 128 -12.96 -11.38 44.27
CA GLN A 128 -12.39 -12.32 43.29
C GLN A 128 -13.20 -12.21 42.01
N PRO A 129 -13.00 -11.12 41.25
CA PRO A 129 -13.71 -10.86 39.99
C PRO A 129 -13.56 -11.91 38.90
N ASP A 130 -14.49 -11.86 37.95
CA ASP A 130 -14.50 -12.75 36.79
C ASP A 130 -13.90 -11.88 35.67
N TYR A 131 -12.59 -11.99 35.50
CA TYR A 131 -11.87 -11.19 34.51
C TYR A 131 -11.89 -11.66 33.06
N TYR A 132 -11.71 -10.70 32.16
CA TYR A 132 -11.65 -10.97 30.74
C TYR A 132 -10.91 -9.80 30.09
N THR A 133 -10.11 -10.07 29.06
CA THR A 133 -9.35 -9.02 28.41
C THR A 133 -9.92 -8.63 27.05
N CYS A 134 -9.97 -7.32 26.81
CA CYS A 134 -10.51 -6.81 25.55
C CYS A 134 -9.84 -5.49 25.18
N PRO A 135 -10.06 -5.02 23.94
CA PRO A 135 -9.47 -3.75 23.48
C PRO A 135 -10.04 -2.64 24.36
N PRO A 136 -9.25 -1.57 24.62
CA PRO A 136 -9.79 -0.49 25.44
C PRO A 136 -10.83 0.33 24.70
N ASP A 137 -11.97 0.60 25.34
CA ASP A 137 -13.00 1.37 24.65
C ASP A 137 -13.99 2.16 25.52
N LEU A 138 -14.16 1.77 26.78
CA LEU A 138 -15.11 2.42 27.67
C LEU A 138 -16.35 2.90 26.94
N SER A 139 -17.19 1.96 26.59
CA SER A 139 -18.44 2.19 25.89
C SER A 139 -18.84 0.75 25.66
N LEU A 140 -18.01 0.06 24.90
CA LEU A 140 -18.21 -1.36 24.64
C LEU A 140 -17.66 -1.99 25.90
N MET A 141 -16.58 -1.38 26.38
CA MET A 141 -15.81 -1.77 27.57
C MET A 141 -14.31 -1.55 27.23
N ALA A 147 -15.60 -3.61 36.19
CA ALA A 147 -16.28 -2.48 35.59
C ALA A 147 -15.27 -1.74 34.61
N ALA A 148 -14.05 -2.32 34.53
CA ALA A 148 -12.87 -2.01 33.67
C ALA A 148 -11.62 -1.23 34.13
N VAL A 149 -10.47 -1.72 33.68
CA VAL A 149 -9.17 -1.12 34.01
C VAL A 149 -8.61 -0.55 32.69
N LEU A 150 -8.42 0.76 32.67
CA LEU A 150 -7.91 1.45 31.51
C LEU A 150 -6.60 2.18 31.81
N ILE A 151 -5.73 2.29 30.80
CA ILE A 151 -4.48 3.03 30.91
C ILE A 151 -4.37 3.98 29.72
N GLY A 152 -3.29 4.75 29.69
CA GLY A 152 -3.10 5.67 28.58
C GLY A 152 -4.19 6.68 28.34
N ASP A 153 -4.34 7.10 27.09
CA ASP A 153 -5.32 8.10 26.72
C ASP A 153 -6.77 7.73 27.02
N ALA A 154 -7.10 6.45 26.89
CA ALA A 154 -8.45 5.97 27.16
C ALA A 154 -8.79 6.26 28.63
N ALA A 155 -7.83 5.95 29.50
CA ALA A 155 -7.99 6.15 30.93
C ALA A 155 -8.09 7.64 31.25
N LEU A 156 -7.27 8.46 30.59
CA LEU A 156 -7.28 9.89 30.85
C LEU A 156 -8.61 10.49 30.39
N ARG A 157 -9.17 9.96 29.31
CA ARG A 157 -10.44 10.45 28.80
C ARG A 157 -11.55 10.04 29.75
N ALA A 158 -11.47 8.82 30.27
CA ALA A 158 -12.47 8.33 31.20
C ALA A 158 -12.45 9.13 32.50
N ASN A 159 -11.28 9.62 32.86
CA ASN A 159 -11.12 10.38 34.10
C ASN A 159 -11.58 11.82 33.97
N MET A 160 -11.14 12.49 32.91
CA MET A 160 -11.47 13.90 32.71
C MET A 160 -12.74 14.19 31.92
N ILE A 161 -13.24 13.21 31.17
CA ILE A 161 -14.41 13.45 30.36
C ILE A 161 -15.58 12.48 30.47
N ASP A 162 -15.38 11.23 30.03
CA ASP A 162 -16.44 10.23 30.07
C ASP A 162 -16.99 9.97 31.46
N GLY A 163 -16.10 9.84 32.44
CA GLY A 163 -16.53 9.58 33.80
C GLY A 163 -17.49 10.65 34.29
N PRO A 164 -17.09 11.93 34.27
CA PRO A 164 -17.93 13.03 34.72
C PRO A 164 -19.20 13.24 33.89
N ARG A 165 -19.12 12.93 32.60
CA ARG A 165 -20.27 13.11 31.71
C ARG A 165 -21.42 12.17 32.04
N TYR A 166 -21.10 10.88 32.21
CA TYR A 166 -22.12 9.88 32.50
C TYR A 166 -22.15 9.45 33.97
N GLY A 167 -21.68 10.34 34.85
CA GLY A 167 -21.69 10.05 36.28
C GLY A 167 -21.13 8.72 36.73
N LEU A 168 -20.08 8.25 36.07
CA LEU A 168 -19.46 6.98 36.45
C LEU A 168 -18.32 7.27 37.42
N ASP A 169 -17.98 6.33 38.29
CA ASP A 169 -16.90 6.54 39.22
C ASP A 169 -15.59 6.16 38.54
N VAL A 170 -14.56 6.97 38.78
CA VAL A 170 -13.24 6.74 38.22
C VAL A 170 -12.22 6.76 39.36
N HIS A 171 -11.70 5.58 39.69
CA HIS A 171 -10.71 5.44 40.75
C HIS A 171 -9.30 5.45 40.15
N ASP A 172 -8.44 6.30 40.71
CA ASP A 172 -7.08 6.44 40.24
C ASP A 172 -6.21 5.34 40.85
N LEU A 173 -5.66 4.44 40.02
CA LEU A 173 -4.85 3.34 40.55
C LEU A 173 -3.60 3.77 41.31
N GLY A 174 -2.99 4.89 40.93
CA GLY A 174 -1.81 5.33 41.64
C GLY A 174 -2.21 5.78 43.03
N ALA A 175 -3.40 6.36 43.11
CA ALA A 175 -3.94 6.84 44.38
C ALA A 175 -4.28 5.68 45.29
N LEU A 176 -4.98 4.67 44.77
CA LEU A 176 -5.37 3.52 45.58
C LEU A 176 -4.17 2.79 46.15
N TRP A 177 -3.09 2.73 45.38
CA TRP A 177 -1.89 2.06 45.84
C TRP A 177 -1.25 2.87 46.95
N LYS A 178 -1.16 4.18 46.74
CA LYS A 178 -0.57 5.09 47.71
C LYS A 178 -1.31 5.04 49.04
N GLU A 179 -2.64 5.11 48.97
CA GLU A 179 -3.48 5.05 50.16
C GLU A 179 -3.25 3.75 50.91
N TRP A 180 -3.08 2.67 50.17
CA TRP A 180 -2.88 1.34 50.74
C TRP A 180 -1.47 1.06 51.27
N THR A 181 -0.46 1.67 50.65
CA THR A 181 0.91 1.43 51.09
C THR A 181 1.75 2.67 51.39
N GLY A 182 1.25 3.85 51.02
CA GLY A 182 2.02 5.05 51.26
C GLY A 182 3.20 5.15 50.29
N LEU A 183 3.33 4.16 49.43
CA LEU A 183 4.42 4.11 48.46
C LEU A 183 4.05 4.66 47.08
N PRO A 184 5.07 5.09 46.31
CA PRO A 184 4.82 5.63 44.97
C PRO A 184 4.68 4.39 44.08
N PHE A 185 4.60 4.57 42.77
CA PHE A 185 4.48 3.41 41.90
C PHE A 185 5.14 3.63 40.54
N VAL A 186 5.64 2.54 39.97
CA VAL A 186 6.30 2.57 38.66
C VAL A 186 5.59 1.60 37.73
N PHE A 187 5.04 2.13 36.64
CA PHE A 187 4.30 1.31 35.68
C PHE A 187 5.16 0.75 34.57
N ALA A 188 6.22 1.48 34.24
CA ALA A 188 7.11 1.08 33.16
C ALA A 188 8.50 1.66 33.37
N VAL A 189 9.50 0.98 32.83
CA VAL A 189 10.89 1.42 32.92
C VAL A 189 11.49 1.37 31.51
N TRP A 190 12.66 1.97 31.31
CA TRP A 190 13.31 1.92 30.01
C TRP A 190 14.41 0.87 30.10
N ALA A 191 14.54 0.04 29.07
CA ALA A 191 15.55 -1.01 29.10
C ALA A 191 16.14 -1.39 27.76
N ALA A 192 17.37 -1.86 27.83
CA ALA A 192 18.09 -2.32 26.66
C ALA A 192 18.12 -3.83 26.80
N ARG A 193 18.02 -4.55 25.69
CA ARG A 193 18.11 -6.00 25.77
C ARG A 193 19.54 -6.21 26.26
N ARG A 194 19.76 -7.20 27.12
CA ARG A 194 21.11 -7.42 27.63
C ARG A 194 22.11 -7.66 26.51
N ASP A 195 21.74 -8.46 25.50
CA ASP A 195 22.68 -8.71 24.42
C ASP A 195 23.08 -7.45 23.66
N TYR A 196 22.17 -6.49 23.56
CA TYR A 196 22.47 -5.24 22.85
C TYR A 196 23.34 -4.33 23.71
N ALA A 197 23.10 -4.33 25.01
CA ALA A 197 23.90 -3.50 25.91
C ALA A 197 25.36 -3.97 25.90
N GLU A 198 25.56 -5.28 25.92
CA GLU A 198 26.92 -5.82 25.93
C GLU A 198 27.59 -5.67 24.57
N ARG A 199 26.80 -5.84 23.51
CA ARG A 199 27.30 -5.70 22.15
C ARG A 199 27.55 -4.23 21.84
N GLU A 200 26.71 -3.35 22.38
CA GLU A 200 26.87 -1.92 22.11
C GLU A 200 26.87 -1.06 23.37
N PRO A 201 27.92 -1.20 24.21
CA PRO A 201 28.08 -0.45 25.45
C PRO A 201 27.97 1.07 25.29
N VAL A 202 28.75 1.61 24.35
CA VAL A 202 28.78 3.05 24.10
C VAL A 202 27.45 3.64 23.61
N ILE A 203 26.90 3.05 22.56
CA ILE A 203 25.64 3.54 22.03
C ILE A 203 24.55 3.52 23.10
N THR A 204 24.42 2.39 23.80
CA THR A 204 23.42 2.24 24.84
C THR A 204 23.54 3.33 25.89
N ARG A 205 24.78 3.64 26.29
CA ARG A 205 25.00 4.68 27.29
C ARG A 205 24.59 6.03 26.73
N LYS A 206 24.94 6.28 25.46
CA LYS A 206 24.59 7.52 24.79
C LYS A 206 23.07 7.66 24.66
N VAL A 207 22.40 6.54 24.40
CA VAL A 207 20.94 6.58 24.29
C VAL A 207 20.40 6.94 25.66
N HIS A 208 20.85 6.24 26.69
CA HIS A 208 20.43 6.51 28.07
C HIS A 208 20.55 7.99 28.39
N GLU A 209 21.73 8.56 28.16
CA GLU A 209 21.98 9.97 28.45
C GLU A 209 21.11 10.92 27.61
N ALA A 210 20.78 10.50 26.40
CA ALA A 210 19.93 11.30 25.52
C ALA A 210 18.51 11.33 26.08
N PHE A 211 18.04 10.20 26.61
CA PHE A 211 16.69 10.12 27.20
C PHE A 211 16.60 11.01 28.45
N LEU A 212 17.62 10.97 29.31
CA LEU A 212 17.60 11.82 30.50
C LEU A 212 17.57 13.28 30.06
N ALA A 213 18.43 13.64 29.11
CA ALA A 213 18.49 15.00 28.59
C ALA A 213 17.15 15.45 28.02
N SER A 214 16.52 14.57 27.23
CA SER A 214 15.23 14.86 26.62
C SER A 214 14.15 14.96 27.68
N ARG A 215 14.19 14.07 28.68
CA ARG A 215 13.22 14.09 29.76
C ARG A 215 13.37 15.42 30.52
N ASN A 216 14.60 15.81 30.85
CA ASN A 216 14.83 17.06 31.59
C ASN A 216 14.24 18.26 30.88
N LEU A 217 14.45 18.34 29.58
CA LEU A 217 13.92 19.45 28.82
C LEU A 217 12.39 19.44 28.83
N SER A 218 11.78 18.26 28.74
CA SER A 218 10.31 18.15 28.77
C SER A 218 9.79 18.69 30.11
N LEU A 219 10.57 18.52 31.17
CA LEU A 219 10.20 19.03 32.49
C LEU A 219 10.21 20.56 32.46
N GLU A 220 11.24 21.16 31.85
CA GLU A 220 11.31 22.63 31.79
C GLU A 220 10.34 23.27 30.79
N GLU A 221 10.00 22.57 29.72
CA GLU A 221 9.09 23.12 28.72
C GLU A 221 7.70 22.47 28.77
N VAL A 222 7.30 22.00 29.94
CA VAL A 222 6.00 21.35 30.07
C VAL A 222 4.84 22.17 29.54
N GLU A 223 4.86 23.49 29.75
CA GLU A 223 3.78 24.36 29.30
C GLU A 223 3.65 24.40 27.78
N LYS A 224 4.78 24.43 27.08
CA LYS A 224 4.78 24.44 25.61
C LYS A 224 4.18 23.16 25.05
N VAL A 225 4.49 22.04 25.68
CA VAL A 225 3.96 20.76 25.22
C VAL A 225 2.45 20.71 25.41
N ALA A 226 1.97 21.19 26.55
CA ALA A 226 0.54 21.20 26.84
C ALA A 226 -0.20 22.07 25.82
N GLU A 227 0.35 23.26 25.58
CA GLU A 227 -0.24 24.18 24.63
C GLU A 227 -0.33 23.56 23.24
N GLN A 228 0.78 22.99 22.79
CA GLN A 228 0.83 22.38 21.47
C GLN A 228 -0.14 21.22 21.33
N ALA A 229 -0.08 20.26 22.25
CA ALA A 229 -0.95 19.11 22.22
C ALA A 229 -2.42 19.51 22.33
N ALA A 230 -2.71 20.56 23.09
CA ALA A 230 -4.08 21.00 23.27
C ALA A 230 -4.72 21.22 21.91
N ARG A 231 -3.93 21.72 20.97
CA ARG A 231 -4.42 21.98 19.63
C ARG A 231 -5.00 20.76 18.94
N TRP A 232 -4.57 19.56 19.36
CA TRP A 232 -5.02 18.34 18.71
C TRP A 232 -5.73 17.32 19.60
N GLU A 233 -5.67 17.49 20.90
CA GLU A 233 -6.31 16.54 21.80
C GLU A 233 -7.67 17.08 22.26
N ALA A 234 -8.49 16.19 22.82
CA ALA A 234 -9.80 16.56 23.32
C ALA A 234 -9.67 17.26 24.67
N PHE A 235 -8.50 17.12 25.27
CA PHE A 235 -8.21 17.73 26.57
C PHE A 235 -7.76 19.17 26.40
N ASP A 236 -8.20 20.05 27.29
CA ASP A 236 -7.80 21.44 27.21
C ASP A 236 -6.37 21.61 27.69
N GLU A 237 -5.81 22.80 27.50
CA GLU A 237 -4.43 23.07 27.89
C GLU A 237 -4.14 22.84 29.36
N ASP A 238 -4.99 23.36 30.25
CA ASP A 238 -4.77 23.21 31.69
C ASP A 238 -4.74 21.75 32.12
N THR A 239 -5.65 20.96 31.59
CA THR A 239 -5.72 19.55 31.93
C THR A 239 -4.45 18.82 31.51
N LEU A 240 -3.99 19.08 30.29
CA LEU A 240 -2.77 18.44 29.81
C LEU A 240 -1.59 18.89 30.69
N ALA A 241 -1.46 20.20 30.90
CA ALA A 241 -0.38 20.71 31.74
C ALA A 241 -0.40 20.03 33.12
N LYS A 242 -1.60 19.89 33.70
CA LYS A 242 -1.75 19.24 35.00
C LYS A 242 -1.32 17.79 34.91
N TYR A 243 -1.80 17.12 33.88
CA TYR A 243 -1.46 15.73 33.67
C TYR A 243 0.08 15.55 33.58
N PHE A 244 0.69 16.27 32.65
CA PHE A 244 2.14 16.15 32.46
C PHE A 244 2.95 16.39 33.73
N THR A 245 2.50 17.32 34.57
CA THR A 245 3.22 17.61 35.80
C THR A 245 2.93 16.60 36.90
N THR A 246 1.79 15.90 36.79
CA THR A 246 1.41 14.88 37.76
C THR A 246 2.22 13.61 37.57
N LEU A 247 2.49 13.26 36.31
CA LEU A 247 3.29 12.07 36.04
C LEU A 247 4.66 12.28 36.70
N ASP A 248 5.28 11.18 37.14
CA ASP A 248 6.57 11.22 37.82
C ASP A 248 7.55 10.31 37.06
N PHE A 249 8.51 10.90 36.36
CA PHE A 249 9.47 10.12 35.57
C PHE A 249 10.79 9.77 36.27
N ARG A 250 10.84 9.94 37.59
CA ARG A 250 12.05 9.63 38.30
C ARG A 250 12.23 8.13 38.45
N PHE A 251 13.47 7.69 38.65
CA PHE A 251 13.73 6.28 38.86
C PHE A 251 14.99 6.09 39.68
N GLY A 252 14.90 6.45 40.96
CA GLY A 252 16.01 6.30 41.87
C GLY A 252 15.62 5.33 42.97
N ALA A 253 16.27 5.46 44.13
CA ALA A 253 16.00 4.58 45.27
C ALA A 253 14.55 4.58 45.71
N PRO A 254 13.94 5.77 45.86
CA PRO A 254 12.53 5.80 46.28
C PRO A 254 11.65 4.99 45.34
N GLN A 255 11.85 5.15 44.03
CA GLN A 255 11.04 4.43 43.05
C GLN A 255 11.39 2.96 43.03
N LEU A 256 12.67 2.64 43.18
CA LEU A 256 13.11 1.26 43.15
C LEU A 256 12.51 0.52 44.35
N GLU A 257 12.11 1.27 45.37
CA GLU A 257 11.51 0.69 46.55
C GLU A 257 10.07 0.27 46.28
N ALA A 258 9.37 1.04 45.45
CA ALA A 258 7.99 0.70 45.11
C ALA A 258 7.97 -0.58 44.27
N VAL A 259 8.96 -0.72 43.40
CA VAL A 259 9.10 -1.89 42.53
C VAL A 259 9.34 -3.16 43.36
N THR A 260 10.38 -3.13 44.19
CA THR A 260 10.75 -4.26 45.02
C THR A 260 9.54 -4.76 45.80
N GLU A 261 8.77 -3.81 46.36
CA GLU A 261 7.57 -4.15 47.12
C GLU A 261 6.51 -4.80 46.25
N PHE A 262 6.24 -4.19 45.09
CA PHE A 262 5.24 -4.72 44.16
C PHE A 262 5.65 -6.13 43.75
N ALA A 263 6.91 -6.27 43.36
CA ALA A 263 7.44 -7.56 42.92
C ALA A 263 7.29 -8.64 43.99
N ARG A 264 7.36 -8.23 45.26
CA ARG A 264 7.25 -9.18 46.37
C ARG A 264 5.80 -9.62 46.58
N ARG A 265 4.86 -8.74 46.30
CA ARG A 265 3.44 -9.05 46.48
C ARG A 265 2.79 -9.82 45.33
N VAL A 266 3.32 -9.66 44.12
CA VAL A 266 2.75 -10.33 42.95
C VAL A 266 3.67 -11.35 42.29
N GLY A 267 4.95 -11.28 42.60
CA GLY A 267 5.92 -12.18 42.00
C GLY A 267 5.55 -13.66 41.91
N PRO A 268 5.10 -14.29 43.00
CA PRO A 268 4.74 -15.71 42.98
C PRO A 268 3.64 -16.08 41.99
N THR A 269 2.58 -15.27 41.96
CA THR A 269 1.46 -15.53 41.06
C THR A 269 1.53 -14.75 39.75
N THR A 270 2.73 -14.37 39.33
CA THR A 270 2.87 -13.61 38.10
C THR A 270 3.96 -14.08 37.16
N GLY A 271 4.92 -14.86 37.64
CA GLY A 271 5.96 -15.36 36.76
C GLY A 271 7.40 -14.98 37.06
N PHE A 272 7.67 -14.54 38.28
CA PHE A 272 9.03 -14.17 38.65
C PHE A 272 9.22 -14.17 40.16
N PRO A 273 10.42 -14.52 40.62
CA PRO A 273 10.72 -14.56 42.05
C PRO A 273 10.19 -13.32 42.77
N ALA A 274 9.75 -13.51 44.01
CA ALA A 274 9.25 -12.40 44.81
C ALA A 274 10.41 -11.45 45.08
N ASP A 275 11.62 -11.95 44.90
CA ASP A 275 12.84 -11.18 45.14
C ASP A 275 13.66 -11.01 43.86
N VAL A 276 12.97 -10.98 42.72
CA VAL A 276 13.61 -10.81 41.41
C VAL A 276 14.59 -9.65 41.41
N LYS A 277 15.75 -9.83 40.78
CA LYS A 277 16.76 -8.78 40.73
C LYS A 277 16.58 -7.85 39.53
N VAL A 278 16.58 -6.55 39.80
CA VAL A 278 16.45 -5.53 38.77
C VAL A 278 17.84 -5.00 38.39
N GLU A 279 18.43 -5.53 37.32
CA GLU A 279 19.75 -5.06 36.89
C GLU A 279 19.68 -3.69 36.24
N LEU A 280 20.55 -2.78 36.68
CA LEU A 280 20.59 -1.43 36.15
C LEU A 280 21.81 -1.20 35.27
N LEU A 281 21.64 -0.35 34.26
CA LEU A 281 22.74 0.00 33.34
C LEU A 281 23.78 0.68 34.22
N LYS A 282 25.02 0.21 34.15
CA LYS A 282 26.11 0.76 34.95
C LYS A 282 26.91 1.83 34.22
N PRO A 283 27.30 2.90 34.92
CA PRO A 283 28.08 3.98 34.31
C PRO A 283 29.45 3.54 33.85
N THR B 7 -17.88 5.59 -13.45
CA THR B 7 -16.69 4.73 -13.17
C THR B 7 -17.10 3.40 -12.55
N ARG B 8 -16.49 2.32 -13.05
CA ARG B 8 -16.78 0.96 -12.56
C ARG B 8 -16.53 0.85 -11.05
N PRO B 9 -17.36 0.08 -10.34
CA PRO B 9 -17.13 -0.05 -8.90
C PRO B 9 -15.80 -0.74 -8.62
N ARG B 10 -15.08 -0.30 -7.60
CA ARG B 10 -13.80 -0.90 -7.26
C ARG B 10 -14.10 -2.12 -6.39
N VAL B 11 -13.91 -3.30 -6.96
CA VAL B 11 -14.21 -4.56 -6.30
C VAL B 11 -13.00 -5.39 -5.88
N GLY B 12 -13.01 -5.83 -4.63
CA GLY B 12 -11.89 -6.64 -4.13
C GLY B 12 -12.14 -8.11 -4.37
N HIS B 13 -11.07 -8.90 -4.42
CA HIS B 13 -11.21 -10.33 -4.63
C HIS B 13 -10.07 -11.08 -3.94
N ILE B 14 -10.42 -12.08 -3.12
CA ILE B 14 -9.44 -12.87 -2.41
C ILE B 14 -8.64 -13.69 -3.42
N GLN B 15 -7.33 -13.52 -3.42
CA GLN B 15 -6.48 -14.22 -4.38
C GLN B 15 -6.36 -15.73 -4.18
N PHE B 16 -6.76 -16.23 -3.01
CA PHE B 16 -6.66 -17.66 -2.73
C PHE B 16 -7.57 -18.55 -3.56
N LEU B 17 -7.28 -19.85 -3.54
CA LEU B 17 -8.07 -20.83 -4.30
C LEU B 17 -9.54 -20.87 -3.86
N ASN B 18 -9.82 -20.47 -2.62
CA ASN B 18 -11.21 -20.50 -2.14
C ASN B 18 -12.18 -19.65 -2.95
N CYS B 19 -11.67 -18.62 -3.64
CA CYS B 19 -12.54 -17.80 -4.47
C CYS B 19 -12.18 -17.90 -5.96
N LEU B 20 -11.41 -18.91 -6.33
CA LEU B 20 -11.07 -19.09 -7.73
C LEU B 20 -12.31 -19.55 -8.51
N PRO B 21 -13.16 -20.40 -7.90
CA PRO B 21 -14.35 -20.83 -8.64
C PRO B 21 -15.21 -19.60 -8.93
N LEU B 22 -15.35 -18.73 -7.92
CA LEU B 22 -16.12 -17.51 -8.06
C LEU B 22 -15.52 -16.65 -9.17
N TYR B 23 -14.18 -16.63 -9.24
CA TYR B 23 -13.51 -15.84 -10.26
C TYR B 23 -13.89 -16.40 -11.63
N TRP B 24 -13.93 -17.72 -11.73
CA TRP B 24 -14.31 -18.39 -12.99
C TRP B 24 -15.73 -17.96 -13.34
N GLY B 25 -16.61 -17.89 -12.34
CA GLY B 25 -17.98 -17.46 -12.58
C GLY B 25 -18.07 -16.01 -13.04
N LEU B 26 -17.25 -15.14 -12.44
CA LEU B 26 -17.22 -13.72 -12.80
C LEU B 26 -16.71 -13.55 -14.23
N ALA B 27 -15.80 -14.44 -14.65
CA ALA B 27 -15.26 -14.37 -15.99
C ALA B 27 -16.27 -14.91 -17.00
N ARG B 28 -16.72 -16.14 -16.75
CA ARG B 28 -17.68 -16.81 -17.61
C ARG B 28 -18.99 -16.03 -17.85
N THR B 29 -19.38 -15.19 -16.90
CA THR B 29 -20.61 -14.39 -17.05
C THR B 29 -20.33 -13.05 -17.70
N GLY B 30 -19.05 -12.69 -17.81
CA GLY B 30 -18.70 -11.42 -18.38
C GLY B 30 -18.72 -10.33 -17.32
N THR B 31 -19.12 -10.69 -16.11
CA THR B 31 -19.19 -9.75 -15.00
C THR B 31 -17.91 -8.98 -14.72
N LEU B 32 -16.75 -9.60 -14.92
CA LEU B 32 -15.48 -8.93 -14.67
C LEU B 32 -15.37 -7.60 -15.41
N LEU B 33 -15.97 -7.52 -16.59
CA LEU B 33 -15.87 -6.30 -17.37
C LEU B 33 -16.59 -5.11 -16.75
N ASP B 34 -17.51 -5.38 -15.84
CA ASP B 34 -18.22 -4.29 -15.18
C ASP B 34 -17.49 -3.89 -13.89
N PHE B 35 -16.43 -4.62 -13.57
CA PHE B 35 -15.64 -4.38 -12.35
C PHE B 35 -14.25 -3.79 -12.61
N GLU B 36 -13.72 -3.17 -11.58
CA GLU B 36 -12.36 -2.64 -11.54
C GLU B 36 -11.94 -3.46 -10.32
N LEU B 37 -11.54 -4.70 -10.59
CA LEU B 37 -11.19 -5.64 -9.54
C LEU B 37 -9.74 -5.65 -9.06
N THR B 38 -9.58 -5.82 -7.75
CA THR B 38 -8.29 -5.87 -7.08
C THR B 38 -8.16 -7.24 -6.38
N LYS B 39 -7.05 -7.94 -6.60
CA LYS B 39 -6.82 -9.22 -5.96
C LYS B 39 -5.79 -9.04 -4.85
N ASP B 40 -6.04 -9.65 -3.70
CA ASP B 40 -5.12 -9.53 -2.56
C ASP B 40 -5.53 -10.50 -1.48
N THR B 41 -4.80 -10.49 -0.36
CA THR B 41 -5.13 -11.35 0.76
C THR B 41 -6.28 -10.72 1.54
N PRO B 42 -7.09 -11.54 2.23
CA PRO B 42 -8.24 -11.03 2.99
C PRO B 42 -8.03 -9.89 3.99
N GLU B 43 -6.95 -9.93 4.75
CA GLU B 43 -6.64 -8.87 5.71
C GLU B 43 -6.46 -7.53 4.98
N LYS B 44 -5.73 -7.54 3.87
CA LYS B 44 -5.47 -6.33 3.11
C LYS B 44 -6.75 -5.82 2.45
N LEU B 45 -7.55 -6.73 1.89
CA LEU B 45 -8.80 -6.34 1.22
C LEU B 45 -9.77 -5.66 2.19
N SER B 46 -9.81 -6.15 3.42
CA SER B 46 -10.66 -5.62 4.46
C SER B 46 -10.25 -4.18 4.80
N GLU B 47 -8.95 -3.97 4.99
CA GLU B 47 -8.40 -2.65 5.30
C GLU B 47 -8.73 -1.68 4.16
N GLN B 48 -8.52 -2.13 2.93
CA GLN B 48 -8.81 -1.31 1.76
C GLN B 48 -10.28 -0.86 1.69
N LEU B 49 -11.21 -1.79 1.88
CA LEU B 49 -12.62 -1.44 1.82
C LEU B 49 -12.99 -0.49 2.96
N VAL B 50 -12.54 -0.82 4.17
CA VAL B 50 -12.82 -0.01 5.35
C VAL B 50 -12.28 1.43 5.24
N ARG B 51 -11.09 1.60 4.67
CA ARG B 51 -10.55 2.95 4.55
C ARG B 51 -11.06 3.65 3.30
N GLY B 52 -11.72 2.92 2.42
CA GLY B 52 -12.28 3.53 1.23
C GLY B 52 -11.52 3.41 -0.08
N ASP B 53 -10.57 2.50 -0.16
CA ASP B 53 -9.81 2.31 -1.40
C ASP B 53 -10.50 1.26 -2.27
N LEU B 54 -11.63 0.76 -1.78
CA LEU B 54 -12.47 -0.21 -2.50
C LEU B 54 -13.89 0.21 -2.18
N ASP B 55 -14.82 -0.15 -3.06
CA ASP B 55 -16.23 0.18 -2.87
C ASP B 55 -17.02 -1.03 -2.39
N ILE B 56 -16.64 -2.20 -2.90
CA ILE B 56 -17.29 -3.46 -2.57
C ILE B 56 -16.25 -4.57 -2.53
N GLY B 57 -16.44 -5.54 -1.65
CA GLY B 57 -15.49 -6.64 -1.56
C GLY B 57 -15.72 -7.60 -0.43
N PRO B 58 -14.90 -8.66 -0.37
CA PRO B 58 -15.03 -9.67 0.68
C PRO B 58 -14.44 -9.07 1.96
N VAL B 59 -15.10 -9.32 3.07
CA VAL B 59 -14.61 -8.78 4.33
C VAL B 59 -14.57 -9.91 5.34
N THR B 60 -13.37 -10.24 5.81
CA THR B 60 -13.21 -11.28 6.81
C THR B 60 -14.21 -10.91 7.93
N LEU B 61 -14.91 -11.92 8.44
CA LEU B 61 -15.96 -11.70 9.44
C LEU B 61 -15.66 -10.81 10.63
N VAL B 62 -14.57 -11.07 11.34
CA VAL B 62 -14.23 -10.28 12.52
C VAL B 62 -14.12 -8.79 12.20
N GLU B 63 -13.50 -8.48 11.06
CA GLU B 63 -13.34 -7.10 10.63
C GLU B 63 -14.68 -6.51 10.25
N PHE B 64 -15.55 -7.31 9.65
CA PHE B 64 -16.87 -6.82 9.28
C PHE B 64 -17.66 -6.46 10.54
N LEU B 65 -17.63 -7.35 11.54
CA LEU B 65 -18.37 -7.09 12.78
C LEU B 65 -17.86 -5.86 13.53
N LYS B 66 -16.55 -5.61 13.47
CA LYS B 66 -15.96 -4.42 14.12
C LYS B 66 -16.34 -3.14 13.39
N ASN B 67 -16.81 -3.28 12.15
CA ASN B 67 -17.18 -2.12 11.34
C ASN B 67 -18.62 -2.20 10.86
N ALA B 68 -19.41 -3.01 11.55
CA ALA B 68 -20.80 -3.24 11.18
C ALA B 68 -21.63 -1.99 10.96
N ASP B 69 -21.27 -0.88 11.62
CA ASP B 69 -22.04 0.35 11.45
C ASP B 69 -21.82 0.97 10.08
N ASP B 70 -20.64 0.73 9.50
CA ASP B 70 -20.30 1.32 8.21
C ASP B 70 -20.30 0.40 6.99
N LEU B 71 -20.81 -0.81 7.16
CA LEU B 71 -20.84 -1.75 6.05
C LEU B 71 -22.18 -2.44 5.91
N VAL B 72 -22.58 -2.68 4.66
CA VAL B 72 -23.83 -3.37 4.35
C VAL B 72 -23.41 -4.67 3.68
N ALA B 73 -23.75 -5.80 4.28
CA ALA B 73 -23.39 -7.11 3.72
C ALA B 73 -24.32 -7.55 2.58
N PHE B 74 -23.83 -8.45 1.75
CA PHE B 74 -24.60 -8.98 0.62
C PHE B 74 -25.30 -10.26 1.07
N PRO B 75 -26.61 -10.35 0.87
CA PRO B 75 -27.26 -11.59 1.30
C PRO B 75 -27.01 -12.73 0.31
N ASP B 76 -27.06 -13.96 0.81
CA ASP B 76 -26.91 -15.18 0.02
C ASP B 76 -25.58 -15.62 -0.60
N ILE B 77 -24.49 -14.98 -0.19
CA ILE B 77 -23.17 -15.39 -0.64
C ILE B 77 -22.18 -15.09 0.47
N ALA B 78 -21.27 -16.02 0.71
CA ALA B 78 -20.26 -15.88 1.74
C ALA B 78 -19.23 -16.99 1.58
N VAL B 79 -18.19 -16.91 2.39
CA VAL B 79 -17.16 -17.93 2.37
C VAL B 79 -17.29 -18.68 3.69
N GLY B 80 -17.84 -19.88 3.62
CA GLY B 80 -18.02 -20.64 4.83
C GLY B 80 -17.91 -22.14 4.68
N CYS B 81 -18.43 -22.85 5.68
CA CYS B 81 -18.40 -24.31 5.69
C CYS B 81 -19.46 -24.87 6.64
N ASP B 82 -19.66 -26.18 6.58
CA ASP B 82 -20.58 -26.88 7.47
C ASP B 82 -19.82 -28.15 7.78
N GLY B 83 -18.85 -28.03 8.66
CA GLY B 83 -17.99 -29.15 9.00
C GLY B 83 -16.61 -28.69 8.58
N PRO B 84 -15.82 -29.52 7.89
CA PRO B 84 -14.48 -29.08 7.48
C PRO B 84 -14.49 -28.01 6.40
N VAL B 85 -13.48 -27.15 6.43
CA VAL B 85 -13.33 -26.08 5.44
C VAL B 85 -12.01 -26.32 4.69
N MET B 86 -11.25 -27.29 5.19
CA MET B 86 -9.97 -27.70 4.62
C MET B 86 -8.86 -26.65 4.56
N SER B 87 -9.23 -25.38 4.39
CA SER B 87 -8.23 -24.30 4.30
C SER B 87 -8.13 -23.33 5.48
N CYS B 88 -8.53 -23.78 6.66
CA CYS B 88 -8.44 -22.97 7.87
C CYS B 88 -8.06 -24.02 8.90
N VAL B 89 -6.80 -24.00 9.34
CA VAL B 89 -6.34 -25.03 10.25
C VAL B 89 -5.36 -24.61 11.33
N ILE B 90 -5.09 -25.57 12.20
CA ILE B 90 -4.13 -25.43 13.28
C ILE B 90 -3.10 -26.51 13.01
N VAL B 91 -1.85 -26.13 12.79
CA VAL B 91 -0.78 -27.10 12.54
C VAL B 91 0.12 -27.14 13.77
N SER B 92 0.25 -28.31 14.39
CA SER B 92 1.08 -28.45 15.58
C SER B 92 1.88 -29.76 15.60
N GLN B 93 3.07 -29.71 16.21
CA GLN B 93 3.91 -30.89 16.30
C GLN B 93 3.78 -31.54 17.68
N VAL B 94 2.73 -31.15 18.38
CA VAL B 94 2.42 -31.68 19.71
C VAL B 94 0.92 -31.53 19.93
N PRO B 95 0.34 -32.34 20.85
CA PRO B 95 -1.09 -32.23 21.10
C PRO B 95 -1.41 -30.77 21.41
N LEU B 96 -2.64 -30.34 21.11
CA LEU B 96 -3.03 -28.96 21.36
C LEU B 96 -2.89 -28.52 22.82
N ASP B 97 -3.10 -29.44 23.75
CA ASP B 97 -3.01 -29.13 25.17
C ASP B 97 -1.74 -29.58 25.87
N ARG B 98 -1.17 -30.69 25.42
CA ARG B 98 0.06 -31.21 26.02
C ARG B 98 1.29 -30.79 25.23
N ARG B 103 4.70 -21.28 22.72
CA ARG B 103 4.05 -20.25 21.91
C ARG B 103 3.59 -20.80 20.56
N VAL B 104 2.63 -20.11 19.96
CA VAL B 104 2.07 -20.51 18.67
C VAL B 104 2.00 -19.32 17.73
N ALA B 105 2.32 -19.55 16.45
CA ALA B 105 2.31 -18.51 15.44
C ALA B 105 0.95 -18.30 14.78
N LEU B 106 0.58 -17.04 14.55
CA LEU B 106 -0.69 -16.69 13.93
C LEU B 106 -0.49 -16.01 12.57
N GLY B 107 -0.78 -16.73 11.50
CA GLY B 107 -0.64 -16.17 10.16
C GLY B 107 -1.28 -14.80 10.12
N SER B 108 -0.54 -13.82 9.63
CA SER B 108 -0.99 -12.44 9.55
C SER B 108 -2.01 -12.11 8.47
N THR B 109 -2.30 -13.06 7.58
CA THR B 109 -3.30 -12.76 6.55
C THR B 109 -4.70 -13.03 7.10
N SER B 110 -4.75 -13.61 8.29
CA SER B 110 -6.03 -13.96 8.92
C SER B 110 -6.48 -13.03 10.04
N ARG B 111 -7.79 -12.86 10.14
CA ARG B 111 -8.38 -12.02 11.19
C ARG B 111 -9.50 -12.80 11.88
N THR B 112 -10.18 -13.68 11.14
CA THR B 112 -11.27 -14.45 11.72
C THR B 112 -10.85 -15.83 12.24
N SER B 113 -10.21 -16.62 11.39
CA SER B 113 -9.75 -17.96 11.79
C SER B 113 -8.81 -17.92 12.99
N VAL B 114 -8.03 -16.86 13.13
CA VAL B 114 -7.12 -16.77 14.27
C VAL B 114 -7.92 -16.59 15.55
N ARG B 115 -9.02 -15.82 15.48
CA ARG B 115 -9.85 -15.60 16.65
C ARG B 115 -10.61 -16.89 16.98
N LEU B 116 -10.99 -17.64 15.95
CA LEU B 116 -11.69 -18.91 16.15
C LEU B 116 -10.72 -19.93 16.76
N ALA B 117 -9.49 -19.94 16.26
CA ALA B 117 -8.46 -20.84 16.77
C ALA B 117 -8.28 -20.57 18.27
N GLN B 118 -8.14 -19.30 18.64
CA GLN B 118 -7.95 -18.94 20.05
C GLN B 118 -9.18 -19.33 20.88
N LEU B 119 -10.38 -19.11 20.34
CA LEU B 119 -11.61 -19.45 21.05
C LEU B 119 -11.69 -20.95 21.33
N LEU B 120 -11.21 -21.76 20.39
CA LEU B 120 -11.22 -23.21 20.56
C LEU B 120 -10.10 -23.57 21.54
N LEU B 121 -8.92 -22.99 21.34
CA LEU B 121 -7.78 -23.23 22.23
C LEU B 121 -7.98 -22.34 23.45
N SER B 122 -8.98 -22.67 24.26
CA SER B 122 -9.29 -21.90 25.44
C SER B 122 -10.51 -22.52 26.11
N GLU B 123 -11.62 -22.53 25.37
CA GLU B 123 -12.87 -23.08 25.87
C GLU B 123 -12.95 -24.60 25.71
N ARG B 124 -12.17 -25.14 24.77
CA ARG B 124 -12.15 -26.60 24.57
C ARG B 124 -10.87 -27.20 25.12
N PRO B 129 -2.86 -17.74 26.76
CA PRO B 129 -2.47 -17.22 25.44
C PRO B 129 -0.96 -17.04 25.32
N ASP B 130 -0.35 -17.66 24.32
CA ASP B 130 1.08 -17.52 24.11
C ASP B 130 1.24 -17.27 22.62
N TYR B 131 0.57 -16.22 22.16
CA TYR B 131 0.53 -15.88 20.75
C TYR B 131 1.46 -14.80 20.26
N TYR B 132 1.73 -14.86 18.96
CA TYR B 132 2.54 -13.87 18.25
C TYR B 132 2.09 -13.94 16.79
N THR B 133 2.23 -12.83 16.08
CA THR B 133 1.80 -12.77 14.70
C THR B 133 2.96 -12.60 13.72
N CYS B 134 2.92 -13.39 12.65
CA CYS B 134 3.95 -13.34 11.61
C CYS B 134 3.41 -13.87 10.29
N PRO B 135 4.15 -13.60 9.20
CA PRO B 135 3.70 -14.07 7.89
C PRO B 135 3.61 -15.59 7.92
N PRO B 136 2.59 -16.12 7.24
CA PRO B 136 2.27 -17.54 7.12
C PRO B 136 3.20 -18.42 6.32
N ASP B 137 4.27 -18.90 6.96
CA ASP B 137 5.29 -19.78 6.38
C ASP B 137 5.40 -20.93 7.39
N LEU B 138 4.90 -22.11 7.02
CA LEU B 138 4.93 -23.25 7.92
C LEU B 138 6.35 -23.62 8.32
N SER B 139 7.29 -23.37 7.42
CA SER B 139 8.70 -23.66 7.69
C SER B 139 9.27 -22.78 8.78
N LEU B 140 8.95 -21.49 8.73
CA LEU B 140 9.46 -20.55 9.71
C LEU B 140 8.88 -20.84 11.07
N MET B 141 7.67 -21.39 11.08
CA MET B 141 7.02 -21.71 12.34
C MET B 141 6.29 -23.05 12.27
N GLU B 144 10.10 -21.88 14.76
CA GLU B 144 10.22 -21.00 15.91
C GLU B 144 9.03 -21.11 16.88
N ALA B 145 8.01 -21.87 16.50
CA ALA B 145 6.82 -22.03 17.34
C ALA B 145 6.42 -23.49 17.42
N ASP B 146 5.58 -23.83 18.40
CA ASP B 146 5.11 -25.21 18.56
C ASP B 146 3.95 -25.52 17.62
N ALA B 147 3.16 -24.50 17.30
CA ALA B 147 2.02 -24.67 16.41
C ALA B 147 1.69 -23.37 15.70
N ALA B 148 0.83 -23.45 14.70
CA ALA B 148 0.47 -22.25 13.96
C ALA B 148 -0.92 -22.33 13.36
N VAL B 149 -1.53 -21.17 13.14
CA VAL B 149 -2.86 -21.08 12.54
C VAL B 149 -2.66 -20.55 11.14
N LEU B 150 -3.15 -21.30 10.14
CA LEU B 150 -2.99 -20.89 8.75
C LEU B 150 -4.31 -20.90 7.99
N ILE B 151 -4.39 -20.09 6.95
CA ILE B 151 -5.59 -20.02 6.12
C ILE B 151 -5.18 -19.95 4.66
N GLY B 152 -6.16 -20.03 3.77
CA GLY B 152 -5.88 -19.93 2.36
C GLY B 152 -5.08 -21.09 1.80
N ASP B 153 -4.32 -20.82 0.75
CA ASP B 153 -3.53 -21.85 0.07
C ASP B 153 -2.48 -22.51 0.96
N ALA B 154 -1.87 -21.72 1.85
CA ALA B 154 -0.86 -22.23 2.77
C ALA B 154 -1.47 -23.28 3.71
N ALA B 155 -2.70 -23.01 4.15
CA ALA B 155 -3.41 -23.92 5.04
C ALA B 155 -3.81 -25.19 4.30
N LEU B 156 -4.27 -25.05 3.05
CA LEU B 156 -4.66 -26.21 2.25
C LEU B 156 -3.41 -27.03 1.96
N ARG B 157 -2.30 -26.35 1.67
CA ARG B 157 -1.05 -27.04 1.40
C ARG B 157 -0.60 -27.81 2.64
N ALA B 158 -0.58 -27.13 3.77
CA ALA B 158 -0.17 -27.77 5.02
C ALA B 158 -1.07 -28.98 5.31
N ASN B 159 -2.36 -28.83 5.00
CA ASN B 159 -3.33 -29.88 5.26
C ASN B 159 -3.27 -31.08 4.29
N MET B 160 -3.07 -30.79 3.01
CA MET B 160 -3.01 -31.85 2.00
C MET B 160 -1.62 -32.41 1.73
N ILE B 161 -0.59 -31.58 1.86
CA ILE B 161 0.77 -31.99 1.52
C ILE B 161 1.87 -31.90 2.58
N ASP B 162 2.15 -30.71 3.09
CA ASP B 162 3.20 -30.53 4.07
C ASP B 162 2.95 -31.23 5.41
N GLY B 163 1.69 -31.27 5.82
CA GLY B 163 1.36 -31.92 7.08
C GLY B 163 1.76 -33.37 7.01
N PRO B 164 1.18 -34.14 6.07
CA PRO B 164 1.50 -35.56 5.91
C PRO B 164 2.97 -35.84 5.61
N ARG B 165 3.56 -35.05 4.72
CA ARG B 165 4.97 -35.20 4.36
C ARG B 165 5.84 -35.27 5.60
N TYR B 166 5.52 -34.42 6.58
CA TYR B 166 6.25 -34.39 7.84
C TYR B 166 5.38 -34.99 8.92
N GLY B 167 5.78 -34.83 10.17
CA GLY B 167 4.99 -35.37 11.27
C GLY B 167 4.24 -34.26 11.99
N LEU B 168 3.58 -33.41 11.22
CA LEU B 168 2.82 -32.30 11.78
C LEU B 168 1.31 -32.55 11.73
N ASP B 169 0.66 -32.56 12.89
CA ASP B 169 -0.78 -32.77 12.93
C ASP B 169 -1.46 -31.53 12.38
N VAL B 170 -2.66 -31.70 11.80
CA VAL B 170 -3.41 -30.59 11.23
C VAL B 170 -4.89 -30.67 11.58
N HIS B 171 -5.34 -29.71 12.37
CA HIS B 171 -6.74 -29.67 12.80
C HIS B 171 -7.53 -28.67 11.97
N ASP B 172 -8.67 -29.11 11.46
CA ASP B 172 -9.55 -28.29 10.64
C ASP B 172 -10.40 -27.45 11.58
N LEU B 173 -10.23 -26.13 11.55
CA LEU B 173 -11.00 -25.26 12.43
C LEU B 173 -12.50 -25.39 12.21
N GLY B 174 -12.92 -25.57 10.96
CA GLY B 174 -14.33 -25.73 10.65
C GLY B 174 -14.91 -26.98 11.29
N ALA B 175 -14.13 -28.06 11.32
CA ALA B 175 -14.57 -29.32 11.92
C ALA B 175 -14.57 -29.19 13.44
N LEU B 176 -13.53 -28.58 13.99
CA LEU B 176 -13.44 -28.40 15.44
C LEU B 176 -14.62 -27.57 15.95
N TRP B 177 -14.98 -26.51 15.21
CA TRP B 177 -16.10 -25.66 15.58
C TRP B 177 -17.41 -26.43 15.41
N LYS B 178 -17.47 -27.29 14.41
CA LYS B 178 -18.66 -28.10 14.15
C LYS B 178 -18.85 -29.12 15.27
N GLU B 179 -17.76 -29.75 15.69
CA GLU B 179 -17.80 -30.76 16.77
C GLU B 179 -18.23 -30.10 18.07
N TRP B 180 -17.67 -28.92 18.33
CA TRP B 180 -17.92 -28.19 19.55
C TRP B 180 -19.32 -27.58 19.66
N THR B 181 -19.84 -27.04 18.56
CA THR B 181 -21.15 -26.39 18.59
C THR B 181 -22.21 -26.94 17.62
N GLY B 182 -21.84 -27.89 16.78
CA GLY B 182 -22.78 -28.47 15.84
C GLY B 182 -23.29 -27.51 14.78
N LEU B 183 -22.56 -26.40 14.61
CA LEU B 183 -22.94 -25.38 13.66
C LEU B 183 -21.96 -25.22 12.50
N PRO B 184 -22.41 -24.57 11.42
CA PRO B 184 -21.56 -24.32 10.25
C PRO B 184 -20.74 -23.09 10.66
N PHE B 185 -19.97 -22.53 9.73
CA PHE B 185 -19.19 -21.34 10.05
C PHE B 185 -19.06 -20.44 8.83
N VAL B 186 -19.00 -19.14 9.06
CA VAL B 186 -18.83 -18.15 8.01
C VAL B 186 -17.54 -17.42 8.35
N PHE B 187 -16.59 -17.44 7.42
CA PHE B 187 -15.29 -16.79 7.62
C PHE B 187 -15.27 -15.37 7.06
N ALA B 188 -16.02 -15.13 6.00
CA ALA B 188 -16.06 -13.82 5.39
C ALA B 188 -17.36 -13.62 4.62
N VAL B 189 -17.75 -12.36 4.48
CA VAL B 189 -18.97 -12.00 3.75
C VAL B 189 -18.58 -10.96 2.72
N TRP B 190 -19.50 -10.62 1.83
CA TRP B 190 -19.24 -9.57 0.86
C TRP B 190 -20.00 -8.35 1.35
N ALA B 191 -19.39 -7.20 1.21
CA ALA B 191 -20.04 -5.98 1.67
C ALA B 191 -19.67 -4.78 0.84
N ALA B 192 -20.54 -3.77 0.92
CA ALA B 192 -20.31 -2.52 0.24
C ALA B 192 -20.20 -1.48 1.34
N ARG B 193 -19.36 -0.48 1.14
CA ARG B 193 -19.23 0.56 2.14
C ARG B 193 -20.64 1.19 2.21
N ARG B 194 -21.07 1.55 3.41
CA ARG B 194 -22.39 2.17 3.60
C ARG B 194 -22.58 3.34 2.64
N ASP B 195 -21.59 4.23 2.60
CA ASP B 195 -21.66 5.39 1.72
C ASP B 195 -21.79 5.04 0.25
N TYR B 196 -20.98 4.11 -0.24
CA TYR B 196 -21.07 3.76 -1.64
C TYR B 196 -22.45 3.19 -1.95
N ALA B 197 -22.96 2.38 -1.04
CA ALA B 197 -24.28 1.77 -1.23
C ALA B 197 -25.38 2.83 -1.33
N GLU B 198 -25.23 3.94 -0.61
CA GLU B 198 -26.24 4.99 -0.64
C GLU B 198 -26.04 5.93 -1.83
N ARG B 199 -24.79 6.15 -2.21
CA ARG B 199 -24.47 7.00 -3.34
C ARG B 199 -24.72 6.30 -4.67
N GLU B 200 -24.53 4.98 -4.69
CA GLU B 200 -24.73 4.20 -5.91
C GLU B 200 -25.55 2.95 -5.63
N PRO B 201 -26.84 3.14 -5.27
CA PRO B 201 -27.73 2.01 -4.96
C PRO B 201 -27.93 1.05 -6.13
N VAL B 202 -27.95 1.58 -7.35
CA VAL B 202 -28.17 0.77 -8.54
C VAL B 202 -26.97 -0.10 -8.92
N ILE B 203 -25.79 0.49 -8.96
CA ILE B 203 -24.59 -0.28 -9.27
C ILE B 203 -24.39 -1.32 -8.18
N THR B 204 -24.56 -0.91 -6.92
CA THR B 204 -24.38 -1.81 -5.79
C THR B 204 -25.32 -3.01 -5.93
N ARG B 205 -26.56 -2.72 -6.28
CA ARG B 205 -27.56 -3.75 -6.46
C ARG B 205 -27.15 -4.72 -7.56
N LYS B 206 -26.73 -4.19 -8.71
CA LYS B 206 -26.35 -5.06 -9.80
C LYS B 206 -25.05 -5.82 -9.52
N VAL B 207 -24.15 -5.25 -8.73
CA VAL B 207 -22.90 -5.93 -8.40
C VAL B 207 -23.27 -7.17 -7.58
N HIS B 208 -24.10 -6.98 -6.57
CA HIS B 208 -24.57 -8.07 -5.71
C HIS B 208 -25.20 -9.19 -6.52
N GLU B 209 -26.02 -8.82 -7.50
CA GLU B 209 -26.69 -9.79 -8.33
C GLU B 209 -25.72 -10.52 -9.25
N ALA B 210 -24.71 -9.81 -9.76
CA ALA B 210 -23.73 -10.46 -10.62
C ALA B 210 -22.95 -11.48 -9.80
N PHE B 211 -22.67 -11.17 -8.55
CA PHE B 211 -21.95 -12.10 -7.68
C PHE B 211 -22.72 -13.40 -7.50
N LEU B 212 -24.02 -13.29 -7.23
CA LEU B 212 -24.82 -14.50 -7.03
C LEU B 212 -24.86 -15.34 -8.30
N ALA B 213 -25.04 -14.68 -9.45
CA ALA B 213 -25.10 -15.38 -10.72
C ALA B 213 -23.75 -16.01 -11.04
N SER B 214 -22.68 -15.30 -10.70
CA SER B 214 -21.35 -15.80 -10.94
C SER B 214 -21.11 -17.01 -10.05
N ARG B 215 -21.52 -16.92 -8.78
CA ARG B 215 -21.36 -18.02 -7.84
C ARG B 215 -22.18 -19.24 -8.28
N ASN B 216 -23.42 -19.00 -8.66
CA ASN B 216 -24.28 -20.10 -9.11
C ASN B 216 -23.65 -20.85 -10.26
N LEU B 217 -23.11 -20.11 -11.23
CA LEU B 217 -22.46 -20.76 -12.36
C LEU B 217 -21.26 -21.59 -11.89
N SER B 218 -20.50 -21.07 -10.93
CA SER B 218 -19.33 -21.80 -10.42
C SER B 218 -19.69 -23.12 -9.73
N LEU B 219 -20.88 -23.19 -9.18
CA LEU B 219 -21.33 -24.42 -8.51
C LEU B 219 -21.61 -25.53 -9.53
N GLU B 220 -22.22 -25.16 -10.66
CA GLU B 220 -22.54 -26.16 -11.65
C GLU B 220 -21.36 -26.52 -12.55
N GLU B 221 -20.37 -25.65 -12.61
CA GLU B 221 -19.21 -25.92 -13.44
C GLU B 221 -17.96 -26.13 -12.59
N VAL B 222 -18.18 -26.44 -11.32
CA VAL B 222 -17.08 -26.65 -10.38
C VAL B 222 -16.03 -27.63 -10.91
N GLU B 223 -16.50 -28.66 -11.61
CA GLU B 223 -15.63 -29.68 -12.18
C GLU B 223 -14.65 -29.08 -13.20
N LYS B 224 -15.12 -28.15 -14.03
CA LYS B 224 -14.27 -27.51 -15.03
C LYS B 224 -13.24 -26.61 -14.34
N VAL B 225 -13.64 -26.00 -13.22
CA VAL B 225 -12.74 -25.13 -12.51
C VAL B 225 -11.56 -25.94 -11.97
N ALA B 226 -11.84 -27.07 -11.35
CA ALA B 226 -10.78 -27.91 -10.81
C ALA B 226 -9.89 -28.49 -11.91
N GLU B 227 -10.49 -28.87 -13.02
CA GLU B 227 -9.72 -29.44 -14.13
C GLU B 227 -8.73 -28.40 -14.66
N GLN B 228 -9.19 -27.17 -14.81
CA GLN B 228 -8.34 -26.09 -15.29
C GLN B 228 -7.24 -25.71 -14.32
N ALA B 229 -7.61 -25.51 -13.06
CA ALA B 229 -6.64 -25.12 -12.04
C ALA B 229 -5.54 -26.17 -11.82
N ALA B 230 -5.90 -27.45 -11.90
CA ALA B 230 -4.93 -28.54 -11.72
C ALA B 230 -3.74 -28.42 -12.69
N ARG B 231 -3.94 -27.71 -13.80
CA ARG B 231 -2.89 -27.53 -14.78
C ARG B 231 -1.79 -26.61 -14.26
N TRP B 232 -2.15 -25.73 -13.33
CA TRP B 232 -1.21 -24.76 -12.79
C TRP B 232 -0.87 -24.83 -11.31
N GLU B 233 -1.73 -25.47 -10.51
CA GLU B 233 -1.51 -25.54 -9.06
C GLU B 233 -0.84 -26.83 -8.58
N ALA B 234 -0.33 -26.79 -7.35
CA ALA B 234 0.36 -27.94 -6.76
C ALA B 234 -0.57 -29.07 -6.31
N PHE B 235 -1.87 -28.83 -6.39
CA PHE B 235 -2.87 -29.81 -5.97
C PHE B 235 -3.43 -30.53 -7.18
N ASP B 236 -3.67 -31.83 -7.05
CA ASP B 236 -4.23 -32.56 -8.18
C ASP B 236 -5.70 -32.21 -8.36
N GLU B 237 -6.24 -32.61 -9.49
CA GLU B 237 -7.62 -32.32 -9.82
C GLU B 237 -8.64 -32.78 -8.79
N ASP B 238 -8.50 -34.01 -8.31
CA ASP B 238 -9.43 -34.55 -7.33
C ASP B 238 -9.41 -33.73 -6.03
N THR B 239 -8.23 -33.30 -5.62
CA THR B 239 -8.09 -32.51 -4.41
C THR B 239 -8.77 -31.15 -4.59
N LEU B 240 -8.59 -30.54 -5.76
CA LEU B 240 -9.22 -29.23 -6.00
C LEU B 240 -10.74 -29.34 -6.04
N ALA B 241 -11.25 -30.36 -6.73
CA ALA B 241 -12.68 -30.58 -6.82
C ALA B 241 -13.25 -30.83 -5.42
N LYS B 242 -12.54 -31.63 -4.63
CA LYS B 242 -12.98 -31.91 -3.27
C LYS B 242 -13.07 -30.60 -2.50
N TYR B 243 -11.97 -29.85 -2.54
CA TYR B 243 -11.92 -28.58 -1.83
C TYR B 243 -13.02 -27.63 -2.28
N PHE B 244 -13.21 -27.47 -3.59
CA PHE B 244 -14.23 -26.57 -4.09
C PHE B 244 -15.65 -26.96 -3.70
N THR B 245 -15.92 -28.26 -3.63
CA THR B 245 -17.25 -28.71 -3.26
C THR B 245 -17.44 -28.77 -1.75
N THR B 246 -16.33 -28.67 -1.01
CA THR B 246 -16.43 -28.70 0.45
C THR B 246 -16.76 -27.28 0.92
N LEU B 247 -16.21 -26.27 0.27
CA LEU B 247 -16.51 -24.89 0.64
C LEU B 247 -18.03 -24.69 0.54
N ASP B 248 -18.59 -23.86 1.42
CA ASP B 248 -20.02 -23.57 1.42
C ASP B 248 -20.17 -22.08 1.23
N PHE B 249 -20.74 -21.68 0.08
CA PHE B 249 -20.90 -20.26 -0.20
C PHE B 249 -22.25 -19.64 0.08
N ARG B 250 -23.08 -20.38 0.80
CA ARG B 250 -24.40 -19.87 1.15
C ARG B 250 -24.35 -18.83 2.27
N PHE B 251 -25.39 -18.02 2.35
CA PHE B 251 -25.50 -17.03 3.40
C PHE B 251 -26.99 -16.73 3.64
N GLY B 252 -27.64 -17.65 4.34
CA GLY B 252 -29.03 -17.53 4.69
C GLY B 252 -29.16 -17.66 6.20
N ALA B 253 -30.35 -18.00 6.69
CA ALA B 253 -30.58 -18.12 8.13
C ALA B 253 -29.67 -19.10 8.87
N PRO B 254 -29.39 -20.27 8.28
CA PRO B 254 -28.51 -21.20 9.00
C PRO B 254 -27.09 -20.65 9.15
N GLN B 255 -26.65 -19.89 8.15
CA GLN B 255 -25.32 -19.31 8.18
C GLN B 255 -25.25 -18.11 9.11
N LEU B 256 -26.29 -17.27 9.07
CA LEU B 256 -26.36 -16.10 9.93
C LEU B 256 -26.36 -16.54 11.40
N GLU B 257 -26.91 -17.72 11.68
CA GLU B 257 -26.98 -18.25 13.04
C GLU B 257 -25.57 -18.49 13.56
N ALA B 258 -24.70 -18.98 12.69
CA ALA B 258 -23.31 -19.26 13.07
C ALA B 258 -22.61 -17.97 13.43
N VAL B 259 -22.83 -16.95 12.60
CA VAL B 259 -22.26 -15.63 12.80
C VAL B 259 -22.76 -15.06 14.12
N THR B 260 -24.06 -15.19 14.37
CA THR B 260 -24.65 -14.68 15.59
C THR B 260 -24.02 -15.33 16.84
N GLU B 261 -23.89 -16.66 16.82
CA GLU B 261 -23.31 -17.39 17.94
C GLU B 261 -21.82 -17.10 18.08
N PHE B 262 -21.14 -16.91 16.97
CA PHE B 262 -19.72 -16.60 17.00
C PHE B 262 -19.55 -15.23 17.64
N ALA B 263 -20.37 -14.28 17.19
CA ALA B 263 -20.33 -12.92 17.70
C ALA B 263 -20.60 -12.89 19.20
N ARG B 264 -21.53 -13.73 19.63
CA ARG B 264 -21.91 -13.81 21.03
C ARG B 264 -20.72 -14.23 21.89
N ARG B 265 -19.98 -15.22 21.43
CA ARG B 265 -18.84 -15.75 22.17
C ARG B 265 -17.54 -14.95 22.14
N VAL B 266 -17.31 -14.15 21.11
CA VAL B 266 -16.04 -13.41 21.04
C VAL B 266 -16.19 -11.90 20.99
N GLY B 267 -17.42 -11.42 20.82
CA GLY B 267 -17.65 -9.99 20.75
C GLY B 267 -16.98 -9.20 21.87
N PRO B 268 -17.29 -9.51 23.13
CA PRO B 268 -16.70 -8.80 24.29
C PRO B 268 -15.17 -8.70 24.29
N THR B 269 -14.49 -9.82 24.04
CA THR B 269 -13.03 -9.82 24.05
C THR B 269 -12.39 -9.47 22.71
N THR B 270 -13.20 -9.24 21.69
CA THR B 270 -12.66 -8.93 20.38
C THR B 270 -12.87 -7.48 19.94
N GLY B 271 -13.77 -6.76 20.60
CA GLY B 271 -13.98 -5.38 20.23
C GLY B 271 -15.26 -4.98 19.52
N PHE B 272 -16.32 -5.78 19.66
CA PHE B 272 -17.59 -5.41 19.04
C PHE B 272 -18.75 -5.97 19.88
N PRO B 273 -19.95 -5.38 19.77
CA PRO B 273 -21.09 -5.87 20.56
C PRO B 273 -21.37 -7.37 20.38
N ALA B 274 -21.51 -8.08 21.49
CA ALA B 274 -21.79 -9.51 21.47
C ALA B 274 -23.07 -9.78 20.68
N ASP B 275 -23.91 -8.74 20.57
CA ASP B 275 -25.18 -8.84 19.88
C ASP B 275 -25.16 -7.93 18.66
N VAL B 276 -23.98 -7.63 18.14
CA VAL B 276 -23.85 -6.79 16.97
C VAL B 276 -24.83 -7.27 15.91
N LYS B 277 -25.39 -6.33 15.16
CA LYS B 277 -26.35 -6.69 14.12
C LYS B 277 -25.73 -6.54 12.74
N VAL B 278 -25.98 -7.51 11.87
CA VAL B 278 -25.47 -7.51 10.51
C VAL B 278 -26.46 -6.85 9.56
N GLU B 279 -26.14 -5.64 9.11
CA GLU B 279 -26.99 -4.91 8.20
C GLU B 279 -26.89 -5.53 6.80
N LEU B 280 -28.02 -5.98 6.26
CA LEU B 280 -28.03 -6.59 4.94
C LEU B 280 -28.58 -5.64 3.88
N LEU B 281 -28.09 -5.81 2.66
CA LEU B 281 -28.55 -5.00 1.54
C LEU B 281 -29.99 -5.43 1.25
N LYS B 282 -30.90 -4.46 1.09
CA LYS B 282 -32.30 -4.77 0.83
C LYS B 282 -32.64 -4.84 -0.66
N ARG C 6 3.10 -26.51 -13.77
CA ARG C 6 3.74 -25.41 -14.55
C ARG C 6 3.20 -24.04 -14.13
N THR C 7 3.81 -22.99 -14.67
CA THR C 7 3.40 -21.62 -14.38
C THR C 7 2.63 -21.10 -15.58
N ARG C 8 1.50 -20.45 -15.33
CA ARG C 8 0.68 -19.90 -16.41
C ARG C 8 1.51 -18.98 -17.30
N PRO C 9 1.28 -19.03 -18.62
CA PRO C 9 2.05 -18.15 -19.50
C PRO C 9 1.70 -16.70 -19.16
N ARG C 10 2.69 -15.82 -19.18
CA ARG C 10 2.49 -14.40 -18.90
C ARG C 10 2.04 -13.76 -20.22
N VAL C 11 0.78 -13.35 -20.27
CA VAL C 11 0.20 -12.79 -21.49
C VAL C 11 -0.18 -11.30 -21.43
N GLY C 12 0.24 -10.55 -22.43
CA GLY C 12 -0.09 -9.13 -22.47
C GLY C 12 -1.44 -8.86 -23.11
N HIS C 13 -2.01 -7.70 -22.84
CA HIS C 13 -3.30 -7.34 -23.41
C HIS C 13 -3.45 -5.82 -23.47
N ILE C 14 -3.65 -5.31 -24.69
CA ILE C 14 -3.83 -3.87 -24.88
C ILE C 14 -5.06 -3.44 -24.09
N GLN C 15 -4.88 -2.43 -23.24
CA GLN C 15 -5.96 -1.93 -22.40
C GLN C 15 -7.06 -1.15 -23.14
N PHE C 16 -6.76 -0.68 -24.36
CA PHE C 16 -7.72 0.09 -25.14
C PHE C 16 -8.99 -0.66 -25.52
N LEU C 17 -10.00 0.08 -25.97
CA LEU C 17 -11.26 -0.51 -26.37
C LEU C 17 -11.09 -1.47 -27.56
N ASN C 18 -10.06 -1.25 -28.38
CA ASN C 18 -9.87 -2.13 -29.54
C ASN C 18 -9.79 -3.61 -29.18
N CYS C 19 -9.35 -3.92 -27.97
CA CYS C 19 -9.26 -5.31 -27.56
C CYS C 19 -10.23 -5.64 -26.42
N LEU C 20 -11.25 -4.82 -26.24
CA LEU C 20 -12.25 -5.08 -25.20
C LEU C 20 -13.08 -6.31 -25.59
N PRO C 21 -13.54 -6.38 -26.86
CA PRO C 21 -14.33 -7.55 -27.26
C PRO C 21 -13.54 -8.84 -27.01
N LEU C 22 -12.25 -8.81 -27.33
CA LEU C 22 -11.40 -9.97 -27.13
C LEU C 22 -11.34 -10.36 -25.65
N TYR C 23 -11.16 -9.37 -24.80
CA TYR C 23 -11.09 -9.62 -23.35
C TYR C 23 -12.40 -10.30 -22.91
N TRP C 24 -13.52 -9.76 -23.38
CA TRP C 24 -14.83 -10.33 -23.08
C TRP C 24 -14.81 -11.79 -23.51
N GLY C 25 -14.23 -12.06 -24.68
CA GLY C 25 -14.15 -13.44 -25.16
C GLY C 25 -13.27 -14.31 -24.26
N LEU C 26 -12.14 -13.75 -23.83
CA LEU C 26 -11.22 -14.45 -22.94
C LEU C 26 -11.89 -14.77 -21.60
N ALA C 27 -12.76 -13.86 -21.16
CA ALA C 27 -13.48 -14.03 -19.90
C ALA C 27 -14.59 -15.07 -20.04
N ARG C 28 -15.44 -14.89 -21.05
CA ARG C 28 -16.55 -15.81 -21.27
C ARG C 28 -16.14 -17.27 -21.49
N THR C 29 -15.03 -17.49 -22.21
CA THR C 29 -14.53 -18.85 -22.44
C THR C 29 -13.82 -19.38 -21.19
N GLY C 30 -13.41 -18.49 -20.30
CA GLY C 30 -12.69 -18.93 -19.11
C GLY C 30 -11.19 -18.98 -19.37
N THR C 31 -10.79 -18.55 -20.57
CA THR C 31 -9.37 -18.54 -20.96
C THR C 31 -8.51 -17.70 -20.01
N LEU C 32 -9.09 -16.65 -19.44
CA LEU C 32 -8.36 -15.79 -18.51
C LEU C 32 -7.69 -16.55 -17.37
N LEU C 33 -8.33 -17.60 -16.87
CA LEU C 33 -7.75 -18.34 -15.76
C LEU C 33 -6.54 -19.21 -16.13
N ASP C 34 -6.19 -19.26 -17.41
CA ASP C 34 -5.03 -20.03 -17.85
C ASP C 34 -3.90 -19.03 -18.12
N PHE C 35 -4.21 -17.75 -17.97
CA PHE C 35 -3.23 -16.68 -18.20
C PHE C 35 -2.81 -15.90 -16.97
N GLU C 36 -1.61 -15.36 -17.03
CA GLU C 36 -1.06 -14.48 -16.01
C GLU C 36 -1.02 -13.23 -16.89
N LEU C 37 -2.15 -12.52 -16.94
CA LEU C 37 -2.30 -11.37 -17.80
C LEU C 37 -1.84 -10.00 -17.29
N THR C 38 -1.35 -9.19 -18.23
CA THR C 38 -0.88 -7.84 -17.95
C THR C 38 -1.57 -6.91 -18.95
N LYS C 39 -2.29 -5.91 -18.45
CA LYS C 39 -2.93 -4.94 -19.33
C LYS C 39 -2.07 -3.68 -19.34
N ASP C 40 -1.83 -3.14 -20.52
CA ASP C 40 -1.03 -1.91 -20.64
C ASP C 40 -1.24 -1.37 -22.05
N THR C 41 -0.54 -0.29 -22.40
CA THR C 41 -0.65 0.30 -23.73
C THR C 41 0.31 -0.49 -24.62
N PRO C 42 0.01 -0.56 -25.93
CA PRO C 42 0.81 -1.29 -26.92
C PRO C 42 2.32 -1.17 -26.99
N GLU C 43 2.88 0.04 -26.89
CA GLU C 43 4.34 0.12 -26.98
C GLU C 43 5.10 -0.45 -25.78
N LYS C 44 4.49 -0.45 -24.60
CA LYS C 44 5.18 -1.02 -23.45
C LYS C 44 4.98 -2.54 -23.51
N LEU C 45 3.79 -2.97 -23.92
CA LEU C 45 3.51 -4.40 -24.04
C LEU C 45 4.49 -5.04 -25.03
N SER C 46 4.76 -4.34 -26.14
CA SER C 46 5.70 -4.84 -27.13
C SER C 46 7.09 -4.93 -26.47
N GLU C 47 7.47 -3.85 -25.80
CA GLU C 47 8.75 -3.78 -25.08
C GLU C 47 8.87 -4.95 -24.10
N GLN C 48 7.87 -5.09 -23.24
CA GLN C 48 7.84 -6.16 -22.26
C GLN C 48 8.09 -7.52 -22.90
N LEU C 49 7.41 -7.80 -24.01
CA LEU C 49 7.59 -9.07 -24.69
C LEU C 49 9.00 -9.23 -25.25
N VAL C 50 9.48 -8.23 -25.97
CA VAL C 50 10.81 -8.30 -26.57
C VAL C 50 11.92 -8.51 -25.54
N ARG C 51 11.77 -7.90 -24.36
CA ARG C 51 12.77 -8.03 -23.31
C ARG C 51 12.56 -9.21 -22.36
N GLY C 52 11.51 -9.99 -22.58
CA GLY C 52 11.27 -11.16 -21.75
C GLY C 52 10.40 -11.07 -20.51
N ASP C 53 9.72 -9.95 -20.32
CA ASP C 53 8.86 -9.79 -19.15
C ASP C 53 7.48 -10.41 -19.44
N LEU C 54 7.30 -10.86 -20.67
CA LEU C 54 6.06 -11.49 -21.12
C LEU C 54 6.45 -12.68 -21.99
N ASP C 55 5.58 -13.68 -22.06
CA ASP C 55 5.89 -14.84 -22.88
C ASP C 55 5.18 -14.73 -24.22
N ILE C 56 3.94 -14.24 -24.15
CA ILE C 56 3.06 -14.08 -25.31
C ILE C 56 2.26 -12.78 -25.18
N GLY C 57 1.96 -12.13 -26.30
CA GLY C 57 1.19 -10.92 -26.25
C GLY C 57 1.12 -10.17 -27.57
N PRO C 58 0.31 -9.10 -27.64
CA PRO C 58 0.20 -8.31 -28.88
C PRO C 58 1.44 -7.47 -29.07
N VAL C 59 1.92 -7.38 -30.30
CA VAL C 59 3.10 -6.59 -30.61
C VAL C 59 2.80 -5.66 -31.79
N THR C 60 2.96 -4.35 -31.57
CA THR C 60 2.73 -3.40 -32.65
C THR C 60 3.59 -3.87 -33.83
N LEU C 61 3.02 -3.85 -35.03
CA LEU C 61 3.71 -4.34 -36.21
C LEU C 61 5.17 -3.92 -36.39
N VAL C 62 5.44 -2.63 -36.30
CA VAL C 62 6.81 -2.12 -36.48
C VAL C 62 7.80 -2.77 -35.51
N GLU C 63 7.41 -2.92 -34.25
CA GLU C 63 8.30 -3.54 -33.25
C GLU C 63 8.44 -5.02 -33.52
N PHE C 64 7.40 -5.63 -34.07
CA PHE C 64 7.46 -7.04 -34.37
C PHE C 64 8.46 -7.25 -35.50
N LEU C 65 8.29 -6.51 -36.59
CA LEU C 65 9.18 -6.61 -37.75
C LEU C 65 10.65 -6.41 -37.39
N LYS C 66 10.94 -5.45 -36.52
CA LYS C 66 12.32 -5.18 -36.11
C LYS C 66 12.91 -6.34 -35.30
N ASN C 67 12.03 -7.11 -34.68
CA ASN C 67 12.45 -8.25 -33.84
C ASN C 67 11.96 -9.57 -34.44
N ALA C 68 11.73 -9.58 -35.75
CA ALA C 68 11.22 -10.76 -36.44
C ALA C 68 12.01 -12.06 -36.21
N ASP C 69 13.31 -11.95 -35.98
CA ASP C 69 14.14 -13.14 -35.75
C ASP C 69 13.87 -13.82 -34.42
N ASP C 70 13.36 -13.06 -33.46
CA ASP C 70 13.12 -13.59 -32.12
C ASP C 70 11.65 -13.79 -31.77
N LEU C 71 10.76 -13.57 -32.74
CA LEU C 71 9.33 -13.71 -32.48
C LEU C 71 8.62 -14.59 -33.50
N VAL C 72 7.57 -15.26 -33.03
CA VAL C 72 6.76 -16.14 -33.88
C VAL C 72 5.32 -15.61 -33.82
N ALA C 73 4.80 -15.22 -34.98
CA ALA C 73 3.45 -14.66 -35.05
C ALA C 73 2.33 -15.70 -35.00
N PHE C 74 1.23 -15.34 -34.36
CA PHE C 74 0.05 -16.20 -34.24
C PHE C 74 -0.80 -16.07 -35.51
N PRO C 75 -1.07 -17.18 -36.20
CA PRO C 75 -1.90 -17.04 -37.40
C PRO C 75 -3.39 -16.84 -37.11
N ASP C 76 -4.07 -16.16 -38.04
CA ASP C 76 -5.51 -15.94 -37.96
C ASP C 76 -6.09 -14.95 -36.94
N ILE C 77 -5.22 -14.15 -36.33
CA ILE C 77 -5.66 -13.13 -35.40
C ILE C 77 -4.69 -11.96 -35.44
N ALA C 78 -5.22 -10.75 -35.43
CA ALA C 78 -4.40 -9.55 -35.45
C ALA C 78 -5.31 -8.36 -35.25
N VAL C 79 -4.73 -7.18 -35.07
CA VAL C 79 -5.52 -5.97 -34.93
C VAL C 79 -5.33 -5.18 -36.22
N GLY C 80 -6.36 -5.12 -37.06
CA GLY C 80 -6.24 -4.41 -38.30
C GLY C 80 -7.52 -3.79 -38.85
N CYS C 81 -7.56 -3.61 -40.17
CA CYS C 81 -8.72 -3.02 -40.82
C CYS C 81 -8.66 -3.24 -42.33
N ASP C 82 -9.73 -2.82 -42.99
CA ASP C 82 -9.85 -2.88 -44.45
C ASP C 82 -10.73 -1.67 -44.72
N GLY C 83 -10.10 -0.51 -44.68
CA GLY C 83 -10.81 0.74 -44.85
C GLY C 83 -10.59 1.48 -43.55
N PRO C 84 -11.60 2.17 -43.02
CA PRO C 84 -11.40 2.90 -41.76
C PRO C 84 -11.16 1.99 -40.56
N VAL C 85 -10.27 2.42 -39.66
CA VAL C 85 -9.97 1.67 -38.44
C VAL C 85 -10.59 2.42 -37.26
N MET C 86 -10.96 3.67 -37.51
CA MET C 86 -11.61 4.55 -36.53
C MET C 86 -10.77 4.97 -35.31
N SER C 87 -9.79 4.16 -34.90
CA SER C 87 -8.97 4.50 -33.73
C SER C 87 -7.50 4.80 -33.96
N CYS C 88 -7.14 5.08 -35.21
CA CYS C 88 -5.77 5.45 -35.56
C CYS C 88 -5.99 6.61 -36.52
N VAL C 89 -5.87 7.84 -36.00
CA VAL C 89 -6.16 9.03 -36.80
C VAL C 89 -5.13 10.14 -36.73
N ILE C 90 -5.28 11.09 -37.65
CA ILE C 90 -4.43 12.28 -37.70
C ILE C 90 -5.37 13.45 -37.54
N VAL C 91 -5.34 14.09 -36.37
CA VAL C 91 -6.19 15.25 -36.15
C VAL C 91 -5.40 16.49 -36.54
N SER C 92 -6.01 17.35 -37.35
CA SER C 92 -5.34 18.56 -37.82
C SER C 92 -6.32 19.71 -37.93
N GLN C 93 -5.82 20.92 -37.71
CA GLN C 93 -6.63 22.13 -37.79
C GLN C 93 -6.45 22.79 -39.16
N VAL C 94 -5.59 22.20 -39.97
CA VAL C 94 -5.30 22.70 -41.32
C VAL C 94 -5.14 21.51 -42.28
N PRO C 95 -5.37 21.75 -43.58
CA PRO C 95 -5.23 20.67 -44.57
C PRO C 95 -3.84 20.02 -44.53
N LEU C 96 -3.81 18.70 -44.62
CA LEU C 96 -2.57 17.93 -44.59
C LEU C 96 -1.43 18.46 -45.45
N ASP C 97 -1.70 18.67 -46.73
CA ASP C 97 -0.68 19.16 -47.64
C ASP C 97 0.03 20.43 -47.19
N ARG C 98 -0.54 21.14 -46.22
CA ARG C 98 0.05 22.37 -45.73
C ARG C 98 0.92 22.19 -44.48
N LEU C 99 1.07 20.94 -44.03
CA LEU C 99 1.86 20.64 -42.85
C LEU C 99 3.33 20.44 -43.18
N ASP C 100 3.85 21.19 -44.14
CA ASP C 100 5.25 21.04 -44.53
C ASP C 100 6.17 21.10 -43.31
N GLY C 101 6.71 22.28 -43.01
CA GLY C 101 7.59 22.40 -41.86
C GLY C 101 6.82 22.65 -40.58
N ALA C 102 5.58 22.19 -40.54
CA ALA C 102 4.71 22.37 -39.38
C ALA C 102 5.04 21.42 -38.22
N ARG C 103 4.64 21.82 -37.02
CA ARG C 103 4.86 21.01 -35.82
C ARG C 103 3.78 19.96 -35.76
N VAL C 104 4.19 18.69 -35.68
CA VAL C 104 3.26 17.57 -35.62
C VAL C 104 3.58 16.68 -34.42
N ALA C 105 2.59 16.52 -33.55
CA ALA C 105 2.73 15.73 -32.34
C ALA C 105 2.38 14.26 -32.53
N LEU C 106 3.28 13.38 -32.13
CA LEU C 106 3.08 11.94 -32.27
C LEU C 106 2.85 11.26 -30.90
N GLY C 107 1.64 10.74 -30.67
CA GLY C 107 1.35 10.07 -29.41
C GLY C 107 2.41 9.01 -29.11
N SER C 108 2.94 9.02 -27.90
CA SER C 108 3.97 8.08 -27.48
C SER C 108 3.54 6.62 -27.30
N THR C 109 2.25 6.33 -27.32
CA THR C 109 1.85 4.94 -27.16
C THR C 109 1.92 4.17 -28.46
N SER C 110 2.08 4.89 -29.58
CA SER C 110 2.12 4.27 -30.90
C SER C 110 3.50 4.08 -31.50
N ARG C 111 3.65 3.02 -32.27
CA ARG C 111 4.92 2.75 -32.95
C ARG C 111 4.65 2.46 -34.43
N THR C 112 3.47 1.93 -34.74
CA THR C 112 3.11 1.63 -36.12
C THR C 112 2.32 2.75 -36.79
N SER C 113 1.24 3.17 -36.15
CA SER C 113 0.42 4.24 -36.71
C SER C 113 1.24 5.50 -36.98
N VAL C 114 2.16 5.86 -36.08
CA VAL C 114 2.98 7.04 -36.29
C VAL C 114 3.89 6.86 -37.50
N ARG C 115 4.36 5.63 -37.71
CA ARG C 115 5.21 5.33 -38.86
C ARG C 115 4.38 5.44 -40.14
N LEU C 116 3.16 4.89 -40.09
CA LEU C 116 2.26 4.93 -41.24
C LEU C 116 1.98 6.38 -41.57
N ALA C 117 1.64 7.16 -40.56
CA ALA C 117 1.34 8.59 -40.74
C ALA C 117 2.52 9.31 -41.41
N GLN C 118 3.73 9.05 -40.92
CA GLN C 118 4.89 9.68 -41.51
C GLN C 118 5.07 9.24 -42.96
N LEU C 119 4.72 7.98 -43.23
CA LEU C 119 4.83 7.42 -44.58
C LEU C 119 3.87 8.15 -45.50
N LEU C 120 2.59 8.21 -45.11
CA LEU C 120 1.57 8.89 -45.90
C LEU C 120 1.89 10.36 -46.12
N LEU C 121 2.26 11.06 -45.05
CA LEU C 121 2.55 12.47 -45.13
C LEU C 121 3.65 12.87 -46.11
N SER C 122 4.73 12.11 -46.15
CA SER C 122 5.84 12.43 -47.05
C SER C 122 5.74 11.77 -48.43
N GLU C 123 5.07 10.62 -48.50
CA GLU C 123 4.98 9.91 -49.77
C GLU C 123 3.66 10.06 -50.52
N ARG C 124 2.62 10.52 -49.82
CA ARG C 124 1.34 10.70 -50.47
C ARG C 124 0.98 12.18 -50.53
N PHE C 125 1.44 12.93 -49.54
CA PHE C 125 1.16 14.36 -49.49
C PHE C 125 2.42 15.22 -49.65
N GLY C 126 3.58 14.58 -49.63
CA GLY C 126 4.83 15.30 -49.77
C GLY C 126 4.90 16.59 -48.95
N VAL C 127 5.24 16.47 -47.66
CA VAL C 127 5.31 17.64 -46.80
C VAL C 127 6.58 17.75 -45.93
N GLN C 128 6.90 16.71 -45.17
CA GLN C 128 8.07 16.71 -44.29
C GLN C 128 7.91 17.65 -43.09
N PRO C 129 7.11 17.25 -42.08
CA PRO C 129 6.84 18.01 -40.85
C PRO C 129 7.94 17.98 -39.80
N ASP C 130 7.75 18.76 -38.74
CA ASP C 130 8.69 18.79 -37.63
C ASP C 130 7.99 17.94 -36.57
N TYR C 131 8.38 16.68 -36.51
CA TYR C 131 7.77 15.74 -35.58
C TYR C 131 8.36 15.78 -34.16
N TYR C 132 7.50 15.55 -33.18
CA TYR C 132 7.92 15.48 -31.79
C TYR C 132 6.95 14.54 -31.09
N THR C 133 7.49 13.72 -30.18
CA THR C 133 6.70 12.76 -29.44
C THR C 133 6.25 13.30 -28.09
N CYS C 134 5.03 13.00 -27.71
CA CYS C 134 4.50 13.45 -26.44
C CYS C 134 3.38 12.51 -26.03
N PRO C 135 2.96 12.57 -24.75
CA PRO C 135 1.88 11.70 -24.29
C PRO C 135 0.59 12.01 -25.03
N PRO C 136 -0.26 10.99 -25.24
CA PRO C 136 -1.53 11.22 -25.95
C PRO C 136 -2.54 12.05 -25.18
N ASP C 137 -2.85 13.24 -25.69
CA ASP C 137 -3.84 14.11 -25.06
C ASP C 137 -4.77 14.65 -26.15
N LEU C 138 -4.40 15.80 -26.71
CA LEU C 138 -5.14 16.47 -27.80
C LEU C 138 -5.11 17.97 -27.51
N SER C 139 -5.63 18.34 -26.35
CA SER C 139 -5.67 19.73 -25.92
C SER C 139 -4.22 20.23 -25.86
N LEU C 140 -3.34 19.39 -25.33
CA LEU C 140 -1.93 19.71 -25.17
C LEU C 140 -1.08 19.60 -26.44
N MET C 141 -1.45 18.70 -27.34
CA MET C 141 -0.69 18.57 -28.58
C MET C 141 -1.39 19.25 -29.74
N GLU C 144 1.73 24.30 -28.98
CA GLU C 144 1.14 23.06 -29.47
C GLU C 144 1.61 22.76 -30.90
N ALA C 145 0.78 22.04 -31.65
CA ALA C 145 1.13 21.67 -33.03
C ALA C 145 -0.13 21.78 -33.90
N ASP C 146 0.07 21.89 -35.22
CA ASP C 146 -1.06 22.00 -36.13
C ASP C 146 -1.77 20.66 -36.31
N ALA C 147 -1.00 19.57 -36.19
CA ALA C 147 -1.56 18.22 -36.33
C ALA C 147 -0.96 17.27 -35.29
N ALA C 148 -1.74 16.23 -34.96
CA ALA C 148 -1.32 15.23 -33.99
C ALA C 148 -1.76 13.83 -34.40
N VAL C 149 -0.86 12.86 -34.26
CA VAL C 149 -1.19 11.47 -34.59
C VAL C 149 -1.55 10.72 -33.31
N LEU C 150 -2.76 10.18 -33.27
CA LEU C 150 -3.23 9.45 -32.09
C LEU C 150 -3.71 8.04 -32.40
N ILE C 151 -3.74 7.21 -31.36
CA ILE C 151 -4.23 5.84 -31.47
C ILE C 151 -5.04 5.50 -30.22
N GLY C 152 -5.70 4.34 -30.24
CA GLY C 152 -6.50 3.92 -29.09
C GLY C 152 -7.78 4.68 -28.79
N ASP C 153 -8.15 4.69 -27.51
CA ASP C 153 -9.36 5.37 -27.08
C ASP C 153 -9.28 6.87 -27.32
N ALA C 154 -8.08 7.42 -27.24
CA ALA C 154 -7.89 8.85 -27.47
C ALA C 154 -8.20 9.18 -28.93
N ALA C 155 -7.71 8.33 -29.84
CA ALA C 155 -7.96 8.54 -31.26
C ALA C 155 -9.45 8.43 -31.53
N LEU C 156 -10.09 7.39 -30.98
CA LEU C 156 -11.52 7.18 -31.18
C LEU C 156 -12.32 8.35 -30.63
N ARG C 157 -11.86 8.88 -29.50
CA ARG C 157 -12.52 10.02 -28.86
C ARG C 157 -12.44 11.25 -29.76
N ALA C 158 -11.23 11.54 -30.23
CA ALA C 158 -11.01 12.69 -31.09
C ALA C 158 -11.83 12.55 -32.36
N ASN C 159 -11.81 11.36 -32.95
CA ASN C 159 -12.53 11.09 -34.18
C ASN C 159 -14.06 11.12 -34.03
N MET C 160 -14.59 10.52 -32.96
CA MET C 160 -16.03 10.48 -32.78
C MET C 160 -16.66 11.61 -31.98
N ILE C 161 -15.86 12.33 -31.19
CA ILE C 161 -16.42 13.39 -30.36
C ILE C 161 -15.72 14.73 -30.42
N ASP C 162 -14.43 14.74 -30.08
CA ASP C 162 -13.64 15.97 -30.08
C ASP C 162 -13.55 16.64 -31.44
N GLY C 163 -13.99 15.94 -32.49
CA GLY C 163 -13.96 16.50 -33.82
C GLY C 163 -15.34 16.58 -34.44
N VAL C 170 -9.67 15.36 -38.70
CA VAL C 170 -9.58 13.96 -38.29
C VAL C 170 -9.55 13.00 -39.48
N HIS C 171 -8.35 12.55 -39.85
CA HIS C 171 -8.16 11.62 -40.96
C HIS C 171 -7.90 10.21 -40.43
N ASP C 172 -8.66 9.24 -40.92
CA ASP C 172 -8.52 7.85 -40.51
C ASP C 172 -7.33 7.23 -41.26
N LEU C 173 -6.32 6.78 -40.52
CA LEU C 173 -5.13 6.20 -41.13
C LEU C 173 -5.38 4.92 -41.93
N GLY C 174 -6.41 4.17 -41.54
CA GLY C 174 -6.73 2.95 -42.26
C GLY C 174 -7.37 3.29 -43.59
N ALA C 175 -8.19 4.35 -43.60
CA ALA C 175 -8.86 4.79 -44.81
C ALA C 175 -7.86 5.45 -45.76
N LEU C 176 -6.91 6.21 -45.23
CA LEU C 176 -5.90 6.88 -46.05
C LEU C 176 -5.00 5.87 -46.75
N TRP C 177 -4.64 4.81 -46.03
CA TRP C 177 -3.80 3.77 -46.60
C TRP C 177 -4.58 3.04 -47.68
N LYS C 178 -5.87 2.80 -47.42
CA LYS C 178 -6.75 2.14 -48.38
C LYS C 178 -6.87 2.95 -49.67
N GLU C 179 -6.89 4.27 -49.54
CA GLU C 179 -7.00 5.16 -50.71
C GLU C 179 -5.74 5.06 -51.56
N TRP C 180 -4.61 5.17 -50.89
CA TRP C 180 -3.29 5.16 -51.50
C TRP C 180 -2.87 3.82 -52.10
N THR C 181 -3.27 2.72 -51.46
CA THR C 181 -2.86 1.40 -51.94
C THR C 181 -4.00 0.44 -52.26
N GLY C 182 -5.18 0.68 -51.71
CA GLY C 182 -6.29 -0.22 -51.94
C GLY C 182 -6.20 -1.47 -51.09
N LEU C 183 -5.19 -1.51 -50.22
CA LEU C 183 -4.97 -2.67 -49.35
C LEU C 183 -5.46 -2.47 -47.91
N PRO C 184 -5.67 -3.57 -47.16
CA PRO C 184 -6.13 -3.45 -45.78
C PRO C 184 -4.89 -3.13 -44.98
N PHE C 185 -4.98 -3.11 -43.65
CA PHE C 185 -3.79 -2.83 -42.86
C PHE C 185 -3.77 -3.64 -41.56
N VAL C 186 -2.57 -3.91 -41.07
CA VAL C 186 -2.36 -4.66 -39.83
C VAL C 186 -1.51 -3.76 -38.94
N PHE C 187 -2.05 -3.40 -37.77
CA PHE C 187 -1.34 -2.51 -36.85
C PHE C 187 -0.57 -3.28 -35.80
N ALA C 188 -1.08 -4.44 -35.41
CA ALA C 188 -0.42 -5.27 -34.42
C ALA C 188 -0.80 -6.72 -34.63
N VAL C 189 0.14 -7.60 -34.28
CA VAL C 189 -0.05 -9.04 -34.38
C VAL C 189 0.16 -9.62 -32.98
N TRP C 190 -0.19 -10.88 -32.80
CA TRP C 190 0.03 -11.55 -31.51
C TRP C 190 1.24 -12.42 -31.73
N ALA C 191 2.15 -12.45 -30.77
CA ALA C 191 3.34 -13.25 -30.90
C ALA C 191 3.81 -13.90 -29.62
N ALA C 192 4.63 -14.94 -29.78
CA ALA C 192 5.22 -15.64 -28.66
C ALA C 192 6.72 -15.46 -28.82
N ARG C 193 7.44 -15.35 -27.71
CA ARG C 193 8.88 -15.24 -27.79
C ARG C 193 9.29 -16.56 -28.44
N ARG C 194 10.29 -16.54 -29.30
CA ARG C 194 10.75 -17.75 -29.95
C ARG C 194 11.17 -18.80 -28.92
N ASP C 195 11.96 -18.39 -27.93
CA ASP C 195 12.39 -19.32 -26.91
C ASP C 195 11.24 -19.93 -26.09
N TYR C 196 10.21 -19.14 -25.78
CA TYR C 196 9.09 -19.68 -25.02
C TYR C 196 8.35 -20.69 -25.88
N ALA C 197 8.15 -20.35 -27.14
CA ALA C 197 7.46 -21.21 -28.09
C ALA C 197 8.19 -22.55 -28.26
N GLU C 198 9.52 -22.48 -28.26
CA GLU C 198 10.35 -23.67 -28.42
C GLU C 198 10.43 -24.51 -27.15
N ARG C 199 10.45 -23.86 -25.99
CA ARG C 199 10.50 -24.58 -24.71
C ARG C 199 9.12 -25.12 -24.36
N GLU C 200 8.09 -24.29 -24.59
CA GLU C 200 6.72 -24.64 -24.26
C GLU C 200 5.80 -24.62 -25.47
N PRO C 201 5.98 -25.58 -26.40
CA PRO C 201 5.16 -25.65 -27.61
C PRO C 201 3.68 -25.99 -27.38
N VAL C 202 3.39 -26.82 -26.38
CA VAL C 202 2.00 -27.21 -26.12
C VAL C 202 1.20 -26.05 -25.53
N ILE C 203 1.79 -25.35 -24.57
CA ILE C 203 1.11 -24.21 -23.94
C ILE C 203 0.89 -23.11 -24.97
N THR C 204 1.92 -22.83 -25.75
CA THR C 204 1.85 -21.78 -26.77
C THR C 204 0.71 -22.06 -27.74
N ARG C 205 0.64 -23.31 -28.20
CA ARG C 205 -0.40 -23.73 -29.13
C ARG C 205 -1.79 -23.58 -28.50
N LYS C 206 -1.93 -24.01 -27.25
CA LYS C 206 -3.21 -23.90 -26.57
C LYS C 206 -3.58 -22.44 -26.31
N VAL C 207 -2.58 -21.60 -26.06
CA VAL C 207 -2.85 -20.19 -25.83
C VAL C 207 -3.33 -19.58 -27.13
N HIS C 208 -2.70 -19.98 -28.22
CA HIS C 208 -3.07 -19.51 -29.56
C HIS C 208 -4.51 -19.91 -29.88
N GLU C 209 -4.82 -21.18 -29.66
CA GLU C 209 -6.17 -21.69 -29.93
C GLU C 209 -7.21 -21.01 -29.04
N ALA C 210 -6.83 -20.68 -27.82
CA ALA C 210 -7.74 -20.01 -26.89
C ALA C 210 -8.04 -18.59 -27.36
N PHE C 211 -7.05 -17.93 -27.95
CA PHE C 211 -7.26 -16.58 -28.47
C PHE C 211 -8.24 -16.61 -29.65
N LEU C 212 -8.10 -17.59 -30.52
CA LEU C 212 -9.00 -17.70 -31.67
C LEU C 212 -10.45 -17.98 -31.24
N ALA C 213 -10.62 -18.89 -30.28
CA ALA C 213 -11.96 -19.21 -29.78
C ALA C 213 -12.58 -17.98 -29.14
N SER C 214 -11.79 -17.28 -28.33
CA SER C 214 -12.26 -16.07 -27.65
C SER C 214 -12.60 -14.95 -28.64
N ARG C 215 -11.76 -14.78 -29.66
CA ARG C 215 -12.01 -13.75 -30.66
C ARG C 215 -13.31 -14.09 -31.38
N ASN C 216 -13.46 -15.35 -31.78
CA ASN C 216 -14.66 -15.79 -32.48
C ASN C 216 -15.92 -15.54 -31.66
N LEU C 217 -15.86 -15.86 -30.37
CA LEU C 217 -17.01 -15.64 -29.51
C LEU C 217 -17.32 -14.15 -29.47
N SER C 218 -16.29 -13.32 -29.41
CA SER C 218 -16.48 -11.86 -29.36
C SER C 218 -17.20 -11.37 -30.61
N LEU C 219 -16.96 -12.05 -31.73
CA LEU C 219 -17.61 -11.67 -32.99
C LEU C 219 -19.11 -11.93 -32.90
N GLU C 220 -19.47 -13.10 -32.39
CA GLU C 220 -20.88 -13.48 -32.25
C GLU C 220 -21.62 -12.66 -31.19
N GLU C 221 -20.90 -12.23 -30.14
CA GLU C 221 -21.51 -11.46 -29.07
C GLU C 221 -21.12 -9.99 -29.04
N VAL C 222 -20.79 -9.43 -30.19
CA VAL C 222 -20.39 -8.03 -30.26
C VAL C 222 -21.45 -7.10 -29.68
N GLU C 223 -22.72 -7.46 -29.86
CA GLU C 223 -23.82 -6.63 -29.35
C GLU C 223 -23.74 -6.46 -27.85
N LYS C 224 -23.54 -7.56 -27.13
CA LYS C 224 -23.45 -7.53 -25.68
C LYS C 224 -22.24 -6.76 -25.18
N VAL C 225 -21.13 -6.84 -25.91
CA VAL C 225 -19.92 -6.13 -25.51
C VAL C 225 -20.16 -4.61 -25.53
N ALA C 226 -20.80 -4.12 -26.60
CA ALA C 226 -21.07 -2.69 -26.73
C ALA C 226 -22.04 -2.18 -25.66
N GLU C 227 -23.09 -2.94 -25.39
CA GLU C 227 -24.08 -2.55 -24.38
C GLU C 227 -23.42 -2.42 -23.02
N GLN C 228 -22.62 -3.42 -22.66
CA GLN C 228 -21.92 -3.42 -21.38
C GLN C 228 -20.90 -2.28 -21.32
N ALA C 229 -20.14 -2.10 -22.40
CA ALA C 229 -19.13 -1.05 -22.47
C ALA C 229 -19.75 0.34 -22.38
N ALA C 230 -20.88 0.52 -23.05
CA ALA C 230 -21.59 1.79 -23.07
C ALA C 230 -21.91 2.29 -21.66
N ARG C 231 -22.17 1.37 -20.74
CA ARG C 231 -22.51 1.72 -19.37
C ARG C 231 -21.38 2.50 -18.69
N TRP C 232 -20.16 2.30 -19.14
CA TRP C 232 -19.00 2.95 -18.55
C TRP C 232 -18.22 3.90 -19.43
N GLU C 233 -18.22 3.66 -20.74
CA GLU C 233 -17.45 4.51 -21.65
C GLU C 233 -18.16 5.82 -22.02
N ALA C 234 -17.40 6.74 -22.58
CA ALA C 234 -17.93 8.04 -23.01
C ALA C 234 -18.54 7.95 -24.40
N PHE C 235 -18.59 6.74 -24.95
CA PHE C 235 -19.16 6.51 -26.27
C PHE C 235 -20.49 5.79 -26.14
N ASP C 236 -21.46 6.13 -26.99
CA ASP C 236 -22.77 5.50 -26.91
C ASP C 236 -22.69 4.07 -27.44
N GLU C 237 -23.73 3.29 -27.20
CA GLU C 237 -23.76 1.90 -27.63
C GLU C 237 -23.55 1.71 -29.13
N ASP C 238 -24.37 2.37 -29.95
CA ASP C 238 -24.26 2.23 -31.39
C ASP C 238 -22.86 2.54 -31.90
N THR C 239 -22.22 3.55 -31.31
CA THR C 239 -20.88 3.93 -31.70
C THR C 239 -19.89 2.80 -31.43
N LEU C 240 -19.97 2.23 -30.23
CA LEU C 240 -19.08 1.14 -29.85
C LEU C 240 -19.35 -0.07 -30.75
N ALA C 241 -20.62 -0.36 -30.99
CA ALA C 241 -21.00 -1.49 -31.84
C ALA C 241 -20.39 -1.28 -33.23
N LYS C 242 -20.49 -0.06 -33.73
CA LYS C 242 -19.95 0.28 -35.04
C LYS C 242 -18.45 0.04 -35.04
N TYR C 243 -17.79 0.56 -34.00
CA TYR C 243 -16.35 0.43 -33.83
C TYR C 243 -15.90 -1.02 -33.73
N PHE C 244 -16.56 -1.80 -32.89
CA PHE C 244 -16.17 -3.18 -32.72
C PHE C 244 -16.32 -4.00 -34.00
N THR C 245 -17.36 -3.70 -34.78
CA THR C 245 -17.58 -4.42 -36.04
C THR C 245 -16.75 -3.87 -37.19
N THR C 246 -16.24 -2.66 -37.06
CA THR C 246 -15.41 -2.07 -38.10
C THR C 246 -14.00 -2.65 -37.99
N LEU C 247 -13.56 -2.95 -36.78
CA LEU C 247 -12.24 -3.52 -36.59
C LEU C 247 -12.20 -4.86 -37.30
N ASP C 248 -11.04 -5.18 -37.88
CA ASP C 248 -10.85 -6.43 -38.63
C ASP C 248 -9.78 -7.23 -37.90
N PHE C 249 -10.16 -8.34 -37.26
CA PHE C 249 -9.20 -9.15 -36.51
C PHE C 249 -8.65 -10.36 -37.24
N ARG C 250 -8.79 -10.37 -38.56
CA ARG C 250 -8.27 -11.49 -39.33
C ARG C 250 -6.77 -11.30 -39.59
N PHE C 251 -6.11 -12.41 -39.90
CA PHE C 251 -4.69 -12.42 -40.23
C PHE C 251 -4.45 -13.63 -41.14
N GLY C 252 -4.80 -13.44 -42.41
CA GLY C 252 -4.63 -14.47 -43.40
C GLY C 252 -3.80 -13.95 -44.55
N ALA C 253 -3.93 -14.58 -45.71
CA ALA C 253 -3.18 -14.17 -46.89
C ALA C 253 -3.38 -12.70 -47.27
N PRO C 254 -4.63 -12.24 -47.35
CA PRO C 254 -4.85 -10.84 -47.70
C PRO C 254 -4.19 -9.84 -46.74
N GLN C 255 -4.25 -10.16 -45.45
CA GLN C 255 -3.67 -9.29 -44.44
C GLN C 255 -2.15 -9.31 -44.48
N LEU C 256 -1.58 -10.49 -44.68
CA LEU C 256 -0.14 -10.63 -44.75
C LEU C 256 0.41 -9.87 -45.95
N GLU C 257 -0.39 -9.76 -47.01
CA GLU C 257 0.03 -9.02 -48.19
C GLU C 257 0.19 -7.57 -47.82
N ALA C 258 -0.66 -7.10 -46.91
CA ALA C 258 -0.60 -5.70 -46.45
C ALA C 258 0.70 -5.44 -45.68
N VAL C 259 1.01 -6.34 -44.76
CA VAL C 259 2.22 -6.23 -43.94
C VAL C 259 3.45 -6.23 -44.85
N THR C 260 3.47 -7.13 -45.81
CA THR C 260 4.58 -7.23 -46.75
C THR C 260 4.83 -5.91 -47.45
N GLU C 261 3.75 -5.32 -47.98
CA GLU C 261 3.85 -4.05 -48.69
C GLU C 261 4.24 -2.91 -47.76
N PHE C 262 3.79 -2.97 -46.51
CA PHE C 262 4.15 -1.91 -45.56
C PHE C 262 5.65 -2.03 -45.27
N ALA C 263 6.10 -3.25 -44.99
CA ALA C 263 7.51 -3.50 -44.71
C ALA C 263 8.38 -3.07 -45.88
N ARG C 264 7.99 -3.48 -47.08
CA ARG C 264 8.72 -3.11 -48.28
C ARG C 264 8.95 -1.59 -48.37
N ARG C 265 7.90 -0.82 -48.11
CA ARG C 265 7.98 0.62 -48.18
C ARG C 265 8.69 1.26 -47.00
N VAL C 266 8.54 0.67 -45.83
CA VAL C 266 9.09 1.20 -44.60
C VAL C 266 10.43 0.63 -44.11
N GLY C 267 10.61 -0.68 -44.27
CA GLY C 267 11.83 -1.36 -43.82
C GLY C 267 13.12 -0.56 -43.79
N PRO C 268 13.70 -0.25 -44.96
CA PRO C 268 14.95 0.50 -45.16
C PRO C 268 15.19 1.71 -44.24
N THR C 269 14.13 2.40 -43.84
CA THR C 269 14.30 3.56 -42.97
C THR C 269 13.75 3.33 -41.57
N THR C 270 13.39 2.09 -41.28
CA THR C 270 12.81 1.77 -39.98
C THR C 270 13.55 0.64 -39.25
N GLY C 271 14.68 0.22 -39.81
CA GLY C 271 15.49 -0.81 -39.17
C GLY C 271 15.25 -2.30 -39.39
N PHE C 272 14.77 -2.69 -40.57
CA PHE C 272 14.56 -4.10 -40.85
C PHE C 272 14.48 -4.36 -42.34
N PRO C 273 14.95 -5.52 -42.80
CA PRO C 273 14.92 -5.85 -44.22
C PRO C 273 13.59 -5.57 -44.90
N ALA C 274 13.67 -4.87 -46.04
CA ALA C 274 12.48 -4.54 -46.80
C ALA C 274 11.71 -5.83 -47.08
N ASP C 275 12.42 -6.95 -47.05
CA ASP C 275 11.83 -8.25 -47.31
C ASP C 275 11.85 -9.16 -46.09
N VAL C 276 11.77 -8.56 -44.90
CA VAL C 276 11.78 -9.32 -43.65
C VAL C 276 10.71 -10.42 -43.65
N LYS C 277 11.11 -11.60 -43.19
CA LYS C 277 10.23 -12.76 -43.14
C LYS C 277 9.45 -12.81 -41.83
N VAL C 278 8.12 -12.92 -41.92
CA VAL C 278 7.28 -13.00 -40.74
C VAL C 278 7.13 -14.49 -40.44
N GLU C 279 7.81 -14.98 -39.41
CA GLU C 279 7.69 -16.40 -39.07
C GLU C 279 6.38 -16.60 -38.34
N LEU C 280 5.62 -17.62 -38.75
CA LEU C 280 4.33 -17.92 -38.15
C LEU C 280 4.36 -19.20 -37.31
N LEU C 281 3.48 -19.27 -36.30
CA LEU C 281 3.39 -20.45 -35.44
C LEU C 281 2.77 -21.56 -36.28
N LYS C 282 3.56 -22.59 -36.57
CA LYS C 282 3.07 -23.71 -37.39
C LYS C 282 2.32 -24.76 -36.58
N THR D 7 -7.06 14.90 12.47
CA THR D 7 -7.03 16.38 12.60
C THR D 7 -5.67 16.97 12.18
N ARG D 8 -4.57 16.37 12.63
CA ARG D 8 -3.23 16.85 12.26
C ARG D 8 -3.05 16.67 10.75
N PRO D 9 -2.45 17.68 10.09
CA PRO D 9 -2.23 17.59 8.64
C PRO D 9 -1.28 16.43 8.30
N ARG D 10 -1.63 15.68 7.27
CA ARG D 10 -0.80 14.56 6.84
C ARG D 10 0.30 15.12 5.92
N VAL D 11 1.52 15.08 6.44
CA VAL D 11 2.69 15.64 5.76
C VAL D 11 3.72 14.64 5.24
N GLY D 12 4.10 14.81 3.98
CA GLY D 12 5.09 13.93 3.38
C GLY D 12 6.49 14.46 3.61
N HIS D 13 7.47 13.56 3.57
CA HIS D 13 8.87 13.95 3.77
C HIS D 13 9.77 12.99 3.01
N ILE D 14 10.61 13.53 2.14
CA ILE D 14 11.54 12.73 1.35
C ILE D 14 12.55 12.11 2.31
N GLN D 15 12.63 10.79 2.29
CA GLN D 15 13.52 10.04 3.17
C GLN D 15 15.02 10.18 2.90
N PHE D 16 15.39 10.72 1.75
CA PHE D 16 16.81 10.87 1.40
C PHE D 16 17.54 11.92 2.23
N LEU D 17 18.86 11.82 2.24
CA LEU D 17 19.71 12.73 2.98
C LEU D 17 19.50 14.19 2.60
N ASN D 18 19.00 14.45 1.40
CA ASN D 18 18.78 15.83 1.00
C ASN D 18 17.81 16.60 1.91
N CYS D 19 16.96 15.87 2.64
CA CYS D 19 16.01 16.51 3.55
C CYS D 19 16.23 16.13 5.00
N LEU D 20 17.41 15.61 5.31
CA LEU D 20 17.73 15.25 6.66
C LEU D 20 17.91 16.55 7.46
N PRO D 21 18.60 17.56 6.87
CA PRO D 21 18.78 18.81 7.61
C PRO D 21 17.42 19.42 7.94
N LEU D 22 16.49 19.35 6.99
CA LEU D 22 15.15 19.88 7.19
C LEU D 22 14.45 19.12 8.30
N TYR D 23 14.67 17.80 8.37
CA TYR D 23 14.05 16.97 9.41
C TYR D 23 14.62 17.38 10.76
N TRP D 24 15.93 17.62 10.81
CA TRP D 24 16.58 18.06 12.04
C TRP D 24 15.81 19.31 12.50
N GLY D 25 15.54 20.20 11.55
CA GLY D 25 14.81 21.42 11.84
C GLY D 25 13.38 21.21 12.31
N LEU D 26 12.67 20.27 11.68
CA LEU D 26 11.29 19.98 12.08
C LEU D 26 11.27 19.48 13.51
N ALA D 27 12.32 18.75 13.90
CA ALA D 27 12.44 18.20 15.25
C ALA D 27 12.84 19.28 16.27
N ARG D 28 13.93 19.97 15.98
CA ARG D 28 14.45 21.02 16.85
C ARG D 28 13.39 22.03 17.26
N THR D 29 12.56 22.44 16.31
CA THR D 29 11.51 23.42 16.61
C THR D 29 10.29 22.76 17.22
N GLY D 30 10.28 21.43 17.28
CA GLY D 30 9.12 20.74 17.81
C GLY D 30 8.00 20.65 16.79
N THR D 31 8.23 21.20 15.59
CA THR D 31 7.23 21.17 14.52
C THR D 31 6.62 19.79 14.30
N LEU D 32 7.45 18.74 14.38
CA LEU D 32 7.00 17.37 14.18
C LEU D 32 5.76 16.98 14.97
N LEU D 33 5.63 17.48 16.19
CA LEU D 33 4.47 17.12 16.99
C LEU D 33 3.16 17.68 16.43
N ASP D 34 3.26 18.57 15.44
CA ASP D 34 2.08 19.15 14.80
C ASP D 34 1.73 18.46 13.50
N PHE D 35 2.56 17.51 13.08
CA PHE D 35 2.34 16.79 11.83
C PHE D 35 2.07 15.31 12.06
N GLU D 36 1.50 14.67 11.04
CA GLU D 36 1.30 13.24 11.02
C GLU D 36 2.20 13.02 9.81
N LEU D 37 3.48 12.79 10.08
CA LEU D 37 4.48 12.66 9.03
C LEU D 37 4.72 11.30 8.41
N THR D 38 4.82 11.29 7.09
CA THR D 38 5.07 10.08 6.33
C THR D 38 6.37 10.25 5.56
N LYS D 39 7.28 9.29 5.69
CA LYS D 39 8.55 9.33 4.97
C LYS D 39 8.51 8.34 3.81
N ASP D 40 9.04 8.74 2.67
CA ASP D 40 9.07 7.85 1.50
C ASP D 40 9.93 8.46 0.42
N THR D 41 10.00 7.79 -0.73
CA THR D 41 10.78 8.29 -1.86
C THR D 41 9.93 9.34 -2.56
N PRO D 42 10.56 10.32 -3.24
CA PRO D 42 9.82 11.38 -3.94
C PRO D 42 8.67 10.94 -4.85
N GLU D 43 8.91 9.88 -5.62
CA GLU D 43 7.92 9.32 -6.55
C GLU D 43 6.60 9.01 -5.83
N LYS D 44 6.71 8.22 -4.77
CA LYS D 44 5.55 7.81 -4.00
C LYS D 44 4.88 8.93 -3.23
N LEU D 45 5.67 9.83 -2.66
CA LEU D 45 5.12 10.96 -1.90
C LEU D 45 4.31 11.82 -2.84
N SER D 46 4.79 11.95 -4.07
CA SER D 46 4.08 12.75 -5.04
C SER D 46 2.76 12.08 -5.41
N GLU D 47 2.80 10.77 -5.65
CA GLU D 47 1.59 10.01 -5.99
C GLU D 47 0.58 10.08 -4.84
N GLN D 48 1.10 9.98 -3.63
CA GLN D 48 0.26 10.01 -2.44
C GLN D 48 -0.49 11.33 -2.30
N LEU D 49 0.20 12.44 -2.56
CA LEU D 49 -0.43 13.75 -2.45
C LEU D 49 -1.49 13.95 -3.54
N VAL D 50 -1.10 13.67 -4.78
CA VAL D 50 -2.00 13.80 -5.92
C VAL D 50 -3.29 12.99 -5.76
N ARG D 51 -3.21 11.81 -5.15
CA ARG D 51 -4.42 11.01 -4.98
C ARG D 51 -5.16 11.28 -3.66
N GLY D 52 -4.63 12.17 -2.83
CA GLY D 52 -5.28 12.50 -1.58
C GLY D 52 -4.95 11.70 -0.32
N ASP D 53 -3.83 10.98 -0.33
CA ASP D 53 -3.44 10.22 0.85
C ASP D 53 -2.55 11.06 1.77
N LEU D 54 -2.25 12.27 1.30
CA LEU D 54 -1.46 13.26 2.02
C LEU D 54 -2.08 14.62 1.75
N ASP D 55 -1.93 15.54 2.69
CA ASP D 55 -2.49 16.87 2.52
C ASP D 55 -1.44 17.84 2.02
N ILE D 56 -0.24 17.69 2.56
CA ILE D 56 0.87 18.56 2.21
C ILE D 56 2.13 17.70 2.08
N GLY D 57 3.10 18.16 1.29
CA GLY D 57 4.33 17.40 1.13
C GLY D 57 5.18 17.81 -0.06
N PRO D 58 6.40 17.26 -0.16
CA PRO D 58 7.30 17.58 -1.27
C PRO D 58 6.78 16.95 -2.56
N VAL D 59 6.92 17.67 -3.66
CA VAL D 59 6.45 17.19 -4.95
C VAL D 59 7.52 17.40 -6.01
N THR D 60 8.01 16.31 -6.58
CA THR D 60 9.01 16.41 -7.63
C THR D 60 8.41 17.36 -8.70
N LEU D 61 9.23 18.32 -9.16
CA LEU D 61 8.80 19.33 -10.12
C LEU D 61 7.91 18.85 -11.27
N VAL D 62 8.38 17.89 -12.04
CA VAL D 62 7.60 17.41 -13.18
C VAL D 62 6.17 17.01 -12.79
N GLU D 63 6.00 16.35 -11.65
CA GLU D 63 4.67 15.93 -11.20
C GLU D 63 3.85 17.12 -10.71
N PHE D 64 4.53 18.10 -10.13
CA PHE D 64 3.84 19.30 -9.66
C PHE D 64 3.23 20.02 -10.87
N LEU D 65 4.03 20.20 -11.91
CA LEU D 65 3.57 20.87 -13.12
C LEU D 65 2.45 20.10 -13.81
N LYS D 66 2.60 18.78 -13.91
CA LYS D 66 1.56 17.96 -14.53
C LYS D 66 0.26 18.12 -13.77
N ASN D 67 0.36 18.43 -12.48
CA ASN D 67 -0.83 18.60 -11.64
C ASN D 67 -0.89 20.02 -11.08
N ALA D 68 -0.32 20.97 -11.82
CA ALA D 68 -0.27 22.36 -11.42
C ALA D 68 -1.62 23.05 -11.14
N ASP D 69 -2.70 22.51 -11.68
CA ASP D 69 -4.02 23.12 -11.44
C ASP D 69 -4.64 22.64 -10.13
N ASP D 70 -4.05 21.61 -9.54
CA ASP D 70 -4.59 21.06 -8.30
C ASP D 70 -3.63 21.16 -7.12
N LEU D 71 -2.53 21.89 -7.30
CA LEU D 71 -1.54 22.03 -6.24
C LEU D 71 -1.05 23.46 -6.04
N VAL D 72 -1.00 23.89 -4.78
CA VAL D 72 -0.52 25.22 -4.44
C VAL D 72 0.85 25.05 -3.81
N ALA D 73 1.87 25.65 -4.43
CA ALA D 73 3.25 25.54 -3.93
C ALA D 73 3.59 26.51 -2.80
N PHE D 74 4.51 26.09 -1.93
CA PHE D 74 4.93 26.93 -0.81
C PHE D 74 6.11 27.81 -1.26
N PRO D 75 5.96 29.13 -1.12
CA PRO D 75 7.09 29.98 -1.54
C PRO D 75 8.24 29.99 -0.55
N ASP D 76 9.43 30.26 -1.07
CA ASP D 76 10.65 30.38 -0.29
C ASP D 76 11.35 29.12 0.20
N ILE D 77 10.86 27.97 -0.20
CA ILE D 77 11.48 26.70 0.15
C ILE D 77 11.21 25.66 -0.93
N ALA D 78 12.24 24.91 -1.29
CA ALA D 78 12.17 23.87 -2.30
C ALA D 78 13.50 23.15 -2.28
N VAL D 79 13.67 22.14 -3.12
CA VAL D 79 14.93 21.41 -3.18
C VAL D 79 15.59 21.73 -4.52
N GLY D 80 16.54 22.66 -4.50
CA GLY D 80 17.20 23.03 -5.73
C GLY D 80 18.72 23.07 -5.66
N CYS D 81 19.31 23.82 -6.59
CA CYS D 81 20.75 23.96 -6.66
C CYS D 81 21.12 25.17 -7.51
N ASP D 82 22.41 25.49 -7.50
CA ASP D 82 22.96 26.59 -8.29
C ASP D 82 24.37 26.13 -8.58
N GLY D 83 24.46 25.09 -9.42
CA GLY D 83 25.72 24.48 -9.75
C GLY D 83 25.54 23.00 -9.50
N PRO D 84 26.55 22.31 -8.94
CA PRO D 84 26.38 20.87 -8.69
C PRO D 84 25.40 20.60 -7.55
N VAL D 85 24.71 19.45 -7.61
CA VAL D 85 23.74 19.07 -6.59
C VAL D 85 24.30 17.85 -5.89
N MET D 86 25.22 17.17 -6.58
CA MET D 86 25.87 15.99 -6.06
C MET D 86 24.96 14.75 -5.99
N SER D 87 23.71 14.94 -5.57
CA SER D 87 22.79 13.82 -5.42
C SER D 87 21.91 13.50 -6.64
N CYS D 88 22.21 14.10 -7.78
CA CYS D 88 21.48 13.83 -9.02
C CYS D 88 22.53 13.59 -10.10
N VAL D 89 22.81 12.32 -10.39
CA VAL D 89 23.84 12.01 -11.36
C VAL D 89 23.49 11.06 -12.50
N ILE D 90 24.46 10.89 -13.39
CA ILE D 90 24.36 10.01 -14.55
C ILE D 90 25.61 9.14 -14.47
N VAL D 91 25.49 7.96 -13.87
CA VAL D 91 26.63 7.06 -13.76
C VAL D 91 26.86 6.37 -15.09
N LEU D 106 16.93 4.34 -16.10
CA LEU D 106 16.41 5.48 -15.34
C LEU D 106 15.85 5.04 -13.99
N GLY D 107 16.47 5.51 -12.90
CA GLY D 107 16.01 5.16 -11.56
C GLY D 107 14.52 5.45 -11.44
N SER D 108 13.77 4.51 -10.87
CA SER D 108 12.32 4.66 -10.74
C SER D 108 11.83 5.64 -9.68
N THR D 109 12.71 6.10 -8.81
CA THR D 109 12.30 7.05 -7.77
C THR D 109 12.27 8.49 -8.25
N SER D 110 12.78 8.73 -9.46
CA SER D 110 12.83 10.07 -10.03
C SER D 110 11.79 10.36 -11.12
N ARG D 111 11.35 11.61 -11.17
CA ARG D 111 10.39 12.06 -12.18
C ARG D 111 10.87 13.36 -12.84
N THR D 112 11.78 14.07 -12.16
CA THR D 112 12.29 15.32 -12.70
C THR D 112 13.71 15.18 -13.22
N SER D 113 14.62 14.67 -12.37
CA SER D 113 16.01 14.48 -12.76
C SER D 113 16.11 13.62 -14.01
N VAL D 114 15.35 12.54 -14.07
CA VAL D 114 15.40 11.67 -15.23
C VAL D 114 15.06 12.47 -16.48
N ARG D 115 14.08 13.34 -16.38
CA ARG D 115 13.68 14.15 -17.52
C ARG D 115 14.78 15.15 -17.87
N LEU D 116 15.47 15.66 -16.86
CA LEU D 116 16.56 16.61 -17.10
C LEU D 116 17.69 15.92 -17.84
N ALA D 117 17.94 14.66 -17.48
CA ALA D 117 18.99 13.87 -18.11
C ALA D 117 18.63 13.62 -19.57
N GLN D 118 17.35 13.39 -19.85
CA GLN D 118 16.91 13.14 -21.22
C GLN D 118 17.09 14.41 -22.05
N LEU D 119 17.07 15.54 -21.39
CA LEU D 119 17.22 16.84 -22.05
C LEU D 119 18.69 17.10 -22.36
N LEU D 120 19.54 16.87 -21.36
CA LEU D 120 20.99 17.06 -21.52
C LEU D 120 21.51 16.05 -22.54
N LEU D 121 21.34 14.78 -22.23
CA LEU D 121 21.79 13.71 -23.12
C LEU D 121 20.86 13.57 -24.30
N SER D 122 20.95 14.54 -25.22
CA SER D 122 20.14 14.56 -26.42
C SER D 122 20.37 15.88 -27.12
N GLU D 123 20.71 16.91 -26.34
CA GLU D 123 20.95 18.23 -26.90
C GLU D 123 22.24 18.86 -26.34
N ARG D 124 23.24 18.00 -26.11
CA ARG D 124 24.55 18.41 -25.61
C ARG D 124 25.58 17.31 -25.83
N PRO D 129 18.66 8.48 -26.56
CA PRO D 129 19.13 7.12 -26.32
C PRO D 129 17.99 6.10 -26.24
N ASP D 130 18.34 4.89 -25.83
CA ASP D 130 17.38 3.80 -25.69
C ASP D 130 17.07 3.65 -24.21
N TYR D 131 16.15 4.48 -23.71
CA TYR D 131 15.80 4.49 -22.29
C TYR D 131 14.85 3.40 -21.82
N TYR D 132 15.02 3.04 -20.56
CA TYR D 132 14.18 2.04 -19.90
C TYR D 132 14.24 2.36 -18.41
N THR D 133 13.12 2.17 -17.72
CA THR D 133 13.07 2.47 -16.29
C THR D 133 13.21 1.22 -15.44
N CYS D 134 13.74 1.40 -14.23
CA CYS D 134 13.93 0.30 -13.29
C CYS D 134 14.25 0.85 -11.90
N PRO D 135 14.32 -0.03 -10.89
CA PRO D 135 14.63 0.38 -9.52
C PRO D 135 16.00 1.03 -9.38
N PRO D 136 16.07 2.24 -8.77
CA PRO D 136 17.32 2.98 -8.57
C PRO D 136 18.28 2.24 -7.68
N ASP D 137 18.12 0.91 -7.66
CA ASP D 137 18.96 0.02 -6.90
C ASP D 137 20.07 -0.42 -7.86
N LEU D 138 21.26 0.13 -7.69
CA LEU D 138 22.40 -0.17 -8.55
C LEU D 138 22.84 -1.63 -8.47
N SER D 139 24.04 -1.91 -8.99
CA SER D 139 24.62 -3.26 -9.03
C SER D 139 24.00 -3.97 -10.22
N LEU D 140 23.18 -3.22 -10.96
CA LEU D 140 22.52 -3.67 -12.17
C LEU D 140 22.66 -2.48 -13.11
N MET D 141 22.11 -2.59 -14.32
CA MET D 141 22.20 -1.53 -15.31
C MET D 141 23.59 -0.88 -15.28
N ALA D 148 23.29 5.21 -16.39
CA ALA D 148 22.17 5.18 -15.46
C ALA D 148 21.99 6.52 -14.75
N VAL D 149 20.74 6.94 -14.62
CA VAL D 149 20.41 8.20 -13.95
C VAL D 149 19.99 7.89 -12.53
N LEU D 150 20.55 8.60 -11.56
CA LEU D 150 20.25 8.36 -10.16
C LEU D 150 20.01 9.65 -9.36
N ILE D 151 19.29 9.50 -8.24
CA ILE D 151 19.01 10.61 -7.34
C ILE D 151 19.12 10.09 -5.92
N GLY D 152 18.86 10.96 -4.95
CA GLY D 152 18.91 10.57 -3.55
C GLY D 152 20.20 9.96 -3.05
N ASP D 153 20.07 9.10 -2.05
CA ASP D 153 21.21 8.42 -1.43
C ASP D 153 22.01 7.58 -2.42
N ALA D 154 21.32 6.85 -3.29
CA ALA D 154 21.98 5.99 -4.27
C ALA D 154 22.90 6.79 -5.18
N ALA D 155 22.45 7.97 -5.59
CA ALA D 155 23.24 8.83 -6.46
C ALA D 155 24.47 9.41 -5.76
N LEU D 156 24.30 9.83 -4.51
CA LEU D 156 25.41 10.40 -3.75
C LEU D 156 26.43 9.33 -3.34
N ARG D 157 25.98 8.08 -3.29
CA ARG D 157 26.86 6.98 -2.94
C ARG D 157 27.63 6.51 -4.16
N ALA D 158 27.03 6.65 -5.34
CA ALA D 158 27.69 6.25 -6.57
C ALA D 158 28.62 7.38 -6.98
N ASN D 159 28.20 8.61 -6.71
CA ASN D 159 28.97 9.80 -7.02
C ASN D 159 30.29 9.76 -6.27
N MET D 160 30.36 8.92 -5.23
CA MET D 160 31.55 8.80 -4.42
C MET D 160 31.46 7.64 -3.44
N ASP D 169 32.63 6.34 -14.42
CA ASP D 169 32.54 7.80 -14.27
C ASP D 169 31.20 8.22 -13.71
N VAL D 170 31.10 9.48 -13.31
CA VAL D 170 29.86 10.04 -12.75
C VAL D 170 29.76 11.53 -13.09
N HIS D 171 28.64 11.92 -13.68
CA HIS D 171 28.42 13.32 -14.06
C HIS D 171 27.43 13.98 -13.09
N ASP D 172 27.29 15.30 -13.19
CA ASP D 172 26.40 16.03 -12.29
C ASP D 172 25.33 16.80 -13.05
N LEU D 173 24.08 16.32 -12.96
CA LEU D 173 22.95 16.96 -13.64
C LEU D 173 22.83 18.42 -13.27
N GLY D 174 23.17 18.75 -12.02
CA GLY D 174 23.08 20.14 -11.60
C GLY D 174 24.20 20.96 -12.22
N ALA D 175 25.36 20.32 -12.40
CA ALA D 175 26.53 20.99 -12.97
C ALA D 175 26.48 21.06 -14.49
N LEU D 176 25.81 20.10 -15.12
CA LEU D 176 25.70 20.07 -16.58
C LEU D 176 24.68 21.11 -17.03
N TRP D 177 23.58 21.23 -16.28
CA TRP D 177 22.55 22.20 -16.60
C TRP D 177 23.14 23.58 -16.34
N LYS D 178 24.12 23.63 -15.45
CA LYS D 178 24.81 24.87 -15.09
C LYS D 178 25.93 25.14 -16.10
N GLU D 179 26.39 24.08 -16.76
CA GLU D 179 27.43 24.19 -17.78
C GLU D 179 26.74 24.25 -19.12
N TRP D 180 25.52 24.77 -19.13
CA TRP D 180 24.74 24.87 -20.36
C TRP D 180 23.97 26.18 -20.44
N THR D 181 22.96 26.34 -19.59
CA THR D 181 22.15 27.54 -19.57
C THR D 181 22.68 28.57 -18.56
N PRO D 184 19.97 28.37 -12.22
CA PRO D 184 19.89 27.36 -11.17
C PRO D 184 18.86 26.28 -11.52
N PHE D 185 18.57 25.40 -10.56
CA PHE D 185 17.58 24.34 -10.82
C PHE D 185 16.80 23.96 -9.56
N VAL D 186 15.50 23.74 -9.74
CA VAL D 186 14.59 23.36 -8.65
C VAL D 186 14.05 21.96 -8.95
N PHE D 187 14.54 20.96 -8.22
CA PHE D 187 14.11 19.58 -8.41
C PHE D 187 12.75 19.26 -7.81
N ALA D 188 12.46 19.81 -6.64
CA ALA D 188 11.19 19.55 -5.97
C ALA D 188 10.71 20.79 -5.23
N VAL D 189 9.39 20.88 -5.05
CA VAL D 189 8.78 21.99 -4.35
C VAL D 189 7.78 21.46 -3.33
N TRP D 190 7.48 22.24 -2.30
CA TRP D 190 6.49 21.82 -1.31
C TRP D 190 5.15 22.38 -1.72
N ALA D 191 4.10 21.59 -1.54
CA ALA D 191 2.78 22.04 -1.95
C ALA D 191 1.68 21.39 -1.15
N ALA D 192 0.54 22.07 -1.11
CA ALA D 192 -0.64 21.57 -0.42
C ALA D 192 -1.66 21.23 -1.49
N ARG D 193 -2.55 20.27 -1.22
CA ARG D 193 -3.58 19.92 -2.18
C ARG D 193 -4.50 21.14 -2.22
N ARG D 194 -4.84 21.60 -3.42
CA ARG D 194 -5.71 22.76 -3.53
C ARG D 194 -7.10 22.44 -3.02
N PRO D 201 -6.48 25.39 5.63
CA PRO D 201 -6.64 26.84 5.48
C PRO D 201 -5.69 27.61 6.41
N VAL D 202 -5.95 27.50 7.70
CA VAL D 202 -5.11 28.16 8.71
C VAL D 202 -3.97 27.17 8.98
N ILE D 203 -4.33 25.88 9.04
CA ILE D 203 -3.35 24.83 9.28
C ILE D 203 -2.31 24.85 8.16
N THR D 204 -2.80 24.94 6.91
CA THR D 204 -1.92 24.97 5.74
C THR D 204 -0.90 26.09 5.88
N ARG D 205 -1.39 27.25 6.34
CA ARG D 205 -0.55 28.43 6.53
C ARG D 205 0.53 28.23 7.58
N LYS D 206 0.18 27.70 8.74
CA LYS D 206 1.18 27.50 9.78
C LYS D 206 2.13 26.35 9.41
N VAL D 207 1.64 25.36 8.66
CA VAL D 207 2.53 24.27 8.24
C VAL D 207 3.64 24.93 7.42
N HIS D 208 3.26 25.80 6.50
CA HIS D 208 4.21 26.52 5.66
C HIS D 208 5.24 27.28 6.50
N GLU D 209 4.75 28.07 7.44
CA GLU D 209 5.62 28.85 8.31
C GLU D 209 6.55 27.95 9.14
N ALA D 210 6.00 26.84 9.63
CA ALA D 210 6.79 25.91 10.42
C ALA D 210 7.90 25.33 9.54
N PHE D 211 7.59 25.05 8.28
CA PHE D 211 8.59 24.51 7.35
C PHE D 211 9.68 25.53 7.12
N LEU D 212 9.29 26.80 7.01
CA LEU D 212 10.24 27.88 6.80
C LEU D 212 11.13 28.01 8.02
N ALA D 213 10.51 28.04 9.20
CA ALA D 213 11.29 28.17 10.44
C ALA D 213 12.23 26.99 10.58
N SER D 214 11.74 25.80 10.25
CA SER D 214 12.57 24.61 10.36
C SER D 214 13.72 24.62 9.35
N ARG D 215 13.47 25.12 8.15
CA ARG D 215 14.54 25.18 7.14
C ARG D 215 15.60 26.20 7.59
N ASN D 216 15.15 27.35 8.09
CA ASN D 216 16.12 28.36 8.54
C ASN D 216 17.02 27.85 9.66
N LEU D 217 16.46 27.15 10.64
CA LEU D 217 17.28 26.65 11.73
C LEU D 217 18.33 25.64 11.23
N SER D 218 17.95 24.81 10.27
CA SER D 218 18.86 23.81 9.72
C SER D 218 20.04 24.46 9.01
N LEU D 219 19.86 25.64 8.42
CA LEU D 219 20.95 26.31 7.74
C LEU D 219 22.04 26.73 8.73
N GLU D 220 21.65 27.30 9.86
CA GLU D 220 22.61 27.75 10.86
C GLU D 220 23.20 26.61 11.69
N GLU D 221 22.53 25.46 11.70
CA GLU D 221 23.03 24.33 12.47
C GLU D 221 23.50 23.18 11.58
N VAL D 222 23.67 23.46 10.29
CA VAL D 222 24.11 22.43 9.35
C VAL D 222 25.31 21.63 9.86
N GLU D 223 26.24 22.29 10.54
CA GLU D 223 27.41 21.61 11.08
C GLU D 223 27.00 20.50 12.04
N LYS D 224 25.96 20.77 12.83
CA LYS D 224 25.47 19.78 13.79
C LYS D 224 24.83 18.59 13.08
N VAL D 225 24.01 18.88 12.07
CA VAL D 225 23.34 17.85 11.31
C VAL D 225 24.37 16.90 10.68
N ALA D 226 25.49 17.47 10.22
CA ALA D 226 26.54 16.68 9.59
C ALA D 226 27.25 15.76 10.58
N GLU D 227 27.64 16.31 11.73
CA GLU D 227 28.31 15.51 12.74
C GLU D 227 27.45 14.33 13.16
N GLN D 228 26.20 14.61 13.50
CA GLN D 228 25.28 13.55 13.91
C GLN D 228 25.09 12.51 12.81
N ALA D 229 24.82 12.98 11.59
CA ALA D 229 24.59 12.09 10.46
C ALA D 229 25.80 11.20 10.14
N ALA D 230 27.00 11.77 10.27
CA ALA D 230 28.21 11.00 9.98
C ALA D 230 28.34 9.76 10.87
N ARG D 231 27.66 9.78 12.00
CA ARG D 231 27.69 8.66 12.94
C ARG D 231 27.07 7.39 12.35
N TRP D 232 26.15 7.56 11.42
CA TRP D 232 25.45 6.42 10.84
C TRP D 232 25.50 6.24 9.33
N GLU D 233 25.77 7.32 8.60
CA GLU D 233 25.85 7.24 7.14
C GLU D 233 27.23 6.76 6.69
N ALA D 234 27.36 6.51 5.40
CA ALA D 234 28.63 6.02 4.84
C ALA D 234 29.58 7.16 4.52
N PHE D 235 29.04 8.37 4.41
CA PHE D 235 29.84 9.54 4.09
C PHE D 235 30.47 10.13 5.35
N ASP D 236 31.72 10.57 5.25
CA ASP D 236 32.39 11.16 6.39
C ASP D 236 31.77 12.53 6.63
N GLU D 237 32.00 13.07 7.82
CA GLU D 237 31.42 14.36 8.19
C GLU D 237 31.56 15.49 7.18
N ASP D 238 32.76 15.69 6.65
CA ASP D 238 32.97 16.77 5.70
C ASP D 238 32.21 16.62 4.39
N THR D 239 32.00 15.37 3.97
CA THR D 239 31.27 15.11 2.73
C THR D 239 29.83 15.58 2.91
N LEU D 240 29.21 15.16 4.01
CA LEU D 240 27.84 15.53 4.31
C LEU D 240 27.69 17.04 4.51
N ALA D 241 28.64 17.63 5.25
CA ALA D 241 28.62 19.06 5.51
C ALA D 241 28.70 19.80 4.18
N LYS D 242 29.52 19.28 3.27
CA LYS D 242 29.69 19.87 1.95
C LYS D 242 28.38 19.73 1.19
N TYR D 243 27.80 18.53 1.26
CA TYR D 243 26.54 18.23 0.59
C TYR D 243 25.39 19.12 1.07
N PHE D 244 25.17 19.16 2.37
CA PHE D 244 24.07 19.97 2.90
C PHE D 244 24.20 21.44 2.53
N THR D 245 25.41 21.97 2.55
CA THR D 245 25.66 23.36 2.22
C THR D 245 25.58 23.61 0.72
N THR D 246 25.80 22.56 -0.07
CA THR D 246 25.74 22.66 -1.52
C THR D 246 24.28 22.82 -1.97
N LEU D 247 23.39 22.06 -1.34
CA LEU D 247 21.96 22.15 -1.68
C LEU D 247 21.48 23.57 -1.51
N ASP D 248 20.56 23.99 -2.36
CA ASP D 248 20.01 25.34 -2.31
C ASP D 248 18.51 25.19 -2.04
N PHE D 249 18.07 25.61 -0.86
CA PHE D 249 16.65 25.46 -0.52
C PHE D 249 15.74 26.65 -0.74
N ARG D 250 16.26 27.69 -1.38
CA ARG D 250 15.46 28.88 -1.66
C ARG D 250 14.40 28.63 -2.71
N PHE D 251 13.46 29.57 -2.81
CA PHE D 251 12.41 29.50 -3.81
C PHE D 251 11.76 30.87 -3.98
N GLY D 252 12.51 31.77 -4.58
CA GLY D 252 12.02 33.12 -4.84
C GLY D 252 12.07 33.41 -6.33
N ALA D 253 12.71 34.51 -6.70
CA ALA D 253 12.81 34.91 -8.11
C ALA D 253 13.84 34.14 -8.92
N PRO D 254 15.09 34.06 -8.43
CA PRO D 254 16.13 33.33 -9.17
C PRO D 254 15.82 31.85 -9.39
N GLN D 255 14.96 31.29 -8.52
CA GLN D 255 14.60 29.87 -8.61
C GLN D 255 13.37 29.67 -9.48
N LEU D 256 12.35 30.49 -9.27
CA LEU D 256 11.12 30.40 -10.04
C LEU D 256 11.43 30.67 -11.50
N GLU D 257 12.57 31.31 -11.73
CA GLU D 257 13.03 31.63 -13.07
C GLU D 257 13.54 30.35 -13.72
N ALA D 258 14.31 29.57 -12.97
CA ALA D 258 14.88 28.33 -13.48
C ALA D 258 13.80 27.29 -13.77
N VAL D 259 12.65 27.43 -13.14
CA VAL D 259 11.55 26.51 -13.36
C VAL D 259 10.85 26.80 -14.68
N THR D 260 10.60 28.08 -14.95
CA THR D 260 9.95 28.47 -16.20
C THR D 260 10.80 28.08 -17.41
N GLU D 261 12.11 28.04 -17.23
CA GLU D 261 13.00 27.68 -18.34
C GLU D 261 13.12 26.17 -18.52
N PHE D 262 12.97 25.43 -17.44
CA PHE D 262 13.01 23.98 -17.54
C PHE D 262 11.69 23.57 -18.16
N ALA D 263 10.61 24.18 -17.67
CA ALA D 263 9.27 23.88 -18.15
C ALA D 263 9.11 24.13 -19.65
N ARG D 264 9.58 25.28 -20.11
CA ARG D 264 9.47 25.61 -21.53
C ARG D 264 10.24 24.64 -22.41
N ARG D 265 11.37 24.14 -21.93
CA ARG D 265 12.17 23.21 -22.71
C ARG D 265 11.60 21.78 -22.75
N VAL D 266 10.81 21.39 -21.76
CA VAL D 266 10.27 20.03 -21.73
C VAL D 266 8.74 19.90 -21.72
N GLY D 267 8.05 20.95 -21.30
CA GLY D 267 6.59 20.92 -21.25
C GLY D 267 5.85 20.18 -22.35
N PRO D 268 6.10 20.51 -23.63
CA PRO D 268 5.42 19.83 -24.74
C PRO D 268 5.62 18.31 -24.77
N THR D 269 6.87 17.89 -24.59
CA THR D 269 7.21 16.48 -24.62
C THR D 269 7.17 15.82 -23.23
N THR D 270 6.62 16.51 -22.24
CA THR D 270 6.56 15.95 -20.90
C THR D 270 5.18 15.99 -20.27
N GLY D 271 4.15 16.29 -21.06
CA GLY D 271 2.80 16.29 -20.53
C GLY D 271 2.19 17.52 -19.89
N PHE D 272 2.81 18.69 -20.04
CA PHE D 272 2.20 19.90 -19.46
C PHE D 272 2.54 21.16 -20.27
N PRO D 273 1.59 22.11 -20.32
CA PRO D 273 1.74 23.37 -21.05
C PRO D 273 3.11 23.99 -20.86
N ALA D 274 3.67 24.51 -21.95
CA ALA D 274 4.99 25.13 -21.89
C ALA D 274 4.91 26.39 -21.03
N ASP D 275 3.68 26.86 -20.78
CA ASP D 275 3.48 28.06 -19.96
C ASP D 275 2.51 27.79 -18.81
N VAL D 276 2.64 26.64 -18.19
CA VAL D 276 1.77 26.29 -17.06
C VAL D 276 2.09 27.28 -15.93
N LYS D 277 1.07 27.66 -15.18
CA LYS D 277 1.27 28.60 -14.07
C LYS D 277 1.41 27.94 -12.70
N VAL D 278 2.49 28.30 -12.00
CA VAL D 278 2.79 27.80 -10.66
C VAL D 278 2.11 28.71 -9.64
N GLU D 279 0.95 28.29 -9.14
CA GLU D 279 0.19 29.07 -8.17
C GLU D 279 0.77 29.04 -6.75
N LEU D 280 1.52 30.08 -6.39
CA LEU D 280 2.12 30.16 -5.06
C LEU D 280 1.09 30.45 -3.98
N LEU D 281 1.32 29.91 -2.77
CA LEU D 281 0.40 30.10 -1.65
C LEU D 281 0.37 31.57 -1.21
N LYS D 282 -0.83 32.12 -1.07
CA LYS D 282 -0.99 33.51 -0.69
C LYS D 282 -0.90 33.72 0.83
#